data_7S3X
#
_entry.id   7S3X
#
_cell.length_a   51.780
_cell.length_b   111.360
_cell.length_c   163.800
_cell.angle_alpha   90.000
_cell.angle_beta   90.000
_cell.angle_gamma   90.000
#
_symmetry.space_group_name_H-M   'P 21 21 21'
#
loop_
_entity.id
_entity.type
_entity.pdbx_description
1 polymer 'Nitric oxide synthase, brain'
2 non-polymer 'PROTOPORPHYRIN IX CONTAINING FE'
3 non-polymer 5,6,7,8-TETRAHYDROBIOPTERIN
4 non-polymer 7-{[3-({[(pyridin-2-yl)methyl]amino}methyl)phenyl]methoxy}-5,8-dihydroquinolin-2-amine
5 non-polymer 'ACETATE ION'
6 non-polymer 'ZINC ION'
7 water water
#
_entity_poly.entity_id   1
_entity_poly.type   'polypeptide(L)'
_entity_poly.pdbx_seq_one_letter_code
;CPRFLKVKNWETDVVLTDTLHLKSTLETGCTEHICMGSIMLPSQHTRKPEDVRTKDQLFPLAKEFLDQYYSSIKRFGSKA
HMDRLEEVNKEIESTSTYQLKDTELIYGAKHAWRNASRCVGRIQWSKLQVFDARDCTTAHGMFNYICNHVKYATNKGNLR
SAITIFPQRTDGKHDFRVWNSQLIRYAGYKQPDGSTLGDPANVQFTEICIQQGWKAPRGRFDVLPLLLQANGNDPELFQI
PPELVLEVPIRHPKFDWFKDLGLKWYGLPAVSNMLLEIGGLEFSACPFSGWYMGTEIGVRDYCDNSRYNILEEVAKKMDL
DMRKTSSLWKDQALVEINIAVLYSFQSDKVTIVDHHSATESFIKHMENEYRCRGGCPADWVWIVPPMSGSITPVFHQEML
NYRLTPSFEYQPDPWNTHVWKG
;
_entity_poly.pdbx_strand_id   A,B
#
loop_
_chem_comp.id
_chem_comp.type
_chem_comp.name
_chem_comp.formula
88H non-polymer 7-{[3-({[(pyridin-2-yl)methyl]amino}methyl)phenyl]methoxy}-5,8-dihydroquinolin-2-amine 'C23 H24 N4 O'
ACT non-polymer 'ACETATE ION' 'C2 H3 O2 -1'
H4B non-polymer 5,6,7,8-TETRAHYDROBIOPTERIN 'C9 H15 N5 O3'
HEM non-polymer 'PROTOPORPHYRIN IX CONTAINING FE' 'C34 H32 Fe N4 O4'
ZN non-polymer 'ZINC ION' 'Zn 2'
#
# COMPACT_ATOMS: atom_id res chain seq x y z
N ARG A 3 16.21 -13.12 -12.11
CA ARG A 3 15.43 -13.14 -13.35
C ARG A 3 14.22 -14.07 -13.24
N PHE A 4 14.33 -15.07 -12.39
CA PHE A 4 13.19 -15.92 -12.00
C PHE A 4 12.85 -15.49 -10.57
N LEU A 5 11.91 -14.56 -10.45
CA LEU A 5 11.72 -13.80 -9.22
C LEU A 5 10.86 -14.54 -8.21
N LYS A 6 11.13 -14.29 -6.94
CA LYS A 6 10.44 -14.90 -5.82
C LYS A 6 9.60 -13.86 -5.10
N VAL A 7 8.43 -14.27 -4.62
CA VAL A 7 7.58 -13.46 -3.76
C VAL A 7 7.26 -14.27 -2.53
N LYS A 8 7.38 -13.64 -1.36
CA LYS A 8 7.14 -14.29 -0.09
C LYS A 8 5.86 -13.74 0.53
N ASN A 9 5.07 -14.63 1.12
CA ASN A 9 4.04 -14.24 2.06
C ASN A 9 4.67 -14.26 3.46
N TRP A 10 4.69 -13.11 4.12
CA TRP A 10 5.35 -13.03 5.43
C TRP A 10 4.45 -13.52 6.57
N GLU A 11 3.17 -13.76 6.31
CA GLU A 11 2.28 -14.33 7.31
C GLU A 11 2.33 -15.85 7.33
N THR A 12 2.78 -16.48 6.23
CA THR A 12 2.74 -17.93 6.07
C THR A 12 4.04 -18.52 5.54
N ASP A 13 5.02 -17.67 5.21
CA ASP A 13 6.30 -18.09 4.64
C ASP A 13 6.18 -18.76 3.28
N VAL A 14 4.96 -18.90 2.76
CA VAL A 14 4.80 -19.45 1.42
C VAL A 14 5.57 -18.58 0.44
N VAL A 15 6.42 -19.22 -0.36
CA VAL A 15 7.21 -18.53 -1.38
C VAL A 15 6.76 -19.04 -2.74
N LEU A 16 6.45 -18.10 -3.63
CA LEU A 16 6.08 -18.39 -5.01
C LEU A 16 7.17 -17.86 -5.93
N THR A 17 7.38 -18.56 -7.04
CA THR A 17 8.39 -18.19 -8.03
C THR A 17 7.70 -17.71 -9.30
N ASP A 18 8.09 -16.52 -9.77
CA ASP A 18 7.41 -15.82 -10.86
C ASP A 18 8.31 -15.85 -12.09
N THR A 19 7.81 -16.48 -13.17
CA THR A 19 8.43 -16.39 -14.49
C THR A 19 7.56 -15.67 -15.50
N LEU A 20 6.28 -15.46 -15.20
CA LEU A 20 5.37 -14.85 -16.16
C LEU A 20 5.78 -13.43 -16.49
N HIS A 21 6.50 -12.77 -15.58
CA HIS A 21 6.89 -11.38 -15.79
C HIS A 21 7.82 -11.24 -16.99
N LEU A 22 8.58 -12.28 -17.33
CA LEU A 22 9.42 -12.24 -18.52
C LEU A 22 8.61 -12.17 -19.80
N LYS A 23 7.35 -12.59 -19.78
CA LYS A 23 6.48 -12.34 -20.92
C LYS A 23 5.91 -10.93 -20.94
N SER A 24 6.21 -10.11 -19.94
CA SER A 24 5.67 -8.75 -19.91
C SER A 24 6.22 -7.92 -21.05
N THR A 25 5.41 -6.98 -21.52
CA THR A 25 5.77 -6.24 -22.73
C THR A 25 5.81 -4.74 -22.47
N LEU A 26 4.73 -4.18 -21.92
CA LEU A 26 4.60 -2.76 -21.69
C LEU A 26 5.44 -2.33 -20.48
N GLU A 27 5.51 -1.03 -20.25
CA GLU A 27 6.40 -0.46 -19.24
C GLU A 27 5.62 0.01 -18.02
N THR A 28 6.30 -0.01 -16.85
CA THR A 28 5.63 0.22 -15.57
C THR A 28 5.63 1.67 -15.12
N GLY A 29 6.49 2.51 -15.69
CA GLY A 29 6.72 3.83 -15.15
C GLY A 29 7.83 3.91 -14.12
N CYS A 30 8.29 2.78 -13.60
CA CYS A 30 9.39 2.71 -12.65
C CYS A 30 10.73 2.65 -13.38
N THR A 31 11.79 3.03 -12.67
CA THR A 31 13.16 2.74 -13.08
C THR A 31 13.91 2.16 -11.88
N GLU A 32 15.18 1.84 -12.08
CA GLU A 32 15.97 1.39 -10.94
C GLU A 32 16.30 2.54 -10.00
N HIS A 33 16.18 3.79 -10.47
CA HIS A 33 16.44 4.92 -9.60
C HIS A 33 15.19 5.42 -8.87
N ILE A 34 14.00 5.13 -9.38
CA ILE A 34 12.81 5.66 -8.73
C ILE A 34 11.61 4.77 -9.00
N CYS A 35 10.89 4.43 -7.94
CA CYS A 35 9.70 3.62 -8.00
C CYS A 35 8.47 4.51 -8.03
N MET A 36 7.59 4.28 -9.00
CA MET A 36 6.36 5.03 -9.18
C MET A 36 5.13 4.21 -8.85
N GLY A 37 5.30 3.17 -8.02
CA GLY A 37 4.23 2.28 -7.64
C GLY A 37 2.99 2.93 -7.07
N SER A 38 3.12 4.13 -6.48
CA SER A 38 1.95 4.79 -5.91
C SER A 38 1.38 5.88 -6.83
N ILE A 39 1.89 5.99 -8.06
CA ILE A 39 1.35 6.96 -9.00
C ILE A 39 0.08 6.39 -9.61
N MET A 40 -0.96 7.22 -9.67
CA MET A 40 -2.27 6.76 -10.13
C MET A 40 -2.26 6.42 -11.63
N LEU A 41 -1.55 7.18 -12.45
CA LEU A 41 -1.53 6.99 -13.89
C LEU A 41 -0.14 7.25 -14.47
N PRO A 42 0.68 6.21 -14.67
CA PRO A 42 1.82 6.42 -15.58
C PRO A 42 1.52 5.93 -17.00
N THR A 54 0.52 3.32 -35.98
CA THR A 54 0.77 3.25 -37.41
C THR A 54 0.45 1.85 -37.93
N LYS A 55 0.63 1.65 -39.24
CA LYS A 55 0.37 0.36 -39.87
C LYS A 55 1.42 -0.69 -39.55
N ASP A 56 2.57 -0.29 -39.00
CA ASP A 56 3.71 -1.19 -38.87
C ASP A 56 3.85 -1.81 -37.49
N GLN A 57 3.44 -1.12 -36.43
CA GLN A 57 3.48 -1.77 -35.13
C GLN A 57 2.36 -2.79 -34.94
N LEU A 58 1.49 -2.98 -35.94
CA LEU A 58 0.27 -3.73 -35.71
C LEU A 58 0.45 -5.24 -35.91
N PHE A 59 1.23 -5.67 -36.90
CA PHE A 59 1.32 -7.12 -37.06
C PHE A 59 2.11 -7.80 -35.94
N PRO A 60 3.23 -7.23 -35.46
CA PRO A 60 3.85 -7.83 -34.27
C PRO A 60 2.88 -7.98 -33.11
N LEU A 61 2.05 -6.97 -32.88
CA LEU A 61 1.08 -7.02 -31.80
C LEU A 61 0.08 -8.15 -32.02
N ALA A 62 -0.41 -8.29 -33.26
CA ALA A 62 -1.39 -9.33 -33.55
C ALA A 62 -0.77 -10.71 -33.46
N LYS A 63 0.50 -10.82 -33.90
CA LYS A 63 1.22 -12.09 -33.81
C LYS A 63 1.40 -12.54 -32.37
N GLU A 64 1.82 -11.61 -31.49
CA GLU A 64 1.93 -11.92 -30.07
C GLU A 64 0.65 -12.54 -29.53
N PHE A 65 -0.49 -11.89 -29.82
CA PHE A 65 -1.75 -12.33 -29.25
C PHE A 65 -2.22 -13.65 -29.87
N LEU A 66 -2.07 -13.81 -31.18
CA LEU A 66 -2.44 -15.08 -31.80
C LEU A 66 -1.52 -16.21 -31.33
N ASP A 67 -0.26 -15.88 -30.99
CA ASP A 67 0.66 -16.89 -30.49
C ASP A 67 0.20 -17.43 -29.13
N GLN A 68 -0.24 -16.55 -28.22
CA GLN A 68 -0.73 -17.06 -26.94
C GLN A 68 -2.11 -17.69 -27.08
N TYR A 69 -2.92 -17.19 -28.01
CA TYR A 69 -4.26 -17.76 -28.18
C TYR A 69 -4.18 -19.22 -28.61
N TYR A 70 -3.39 -19.52 -29.65
CA TYR A 70 -3.29 -20.90 -30.11
C TYR A 70 -2.50 -21.78 -29.16
N SER A 71 -1.66 -21.17 -28.34
CA SER A 71 -1.01 -21.94 -27.27
C SER A 71 -2.01 -22.31 -26.18
N SER A 72 -2.96 -21.43 -25.88
CA SER A 72 -3.91 -21.70 -24.81
C SER A 72 -4.90 -22.78 -25.19
N ILE A 73 -5.08 -23.04 -26.48
CA ILE A 73 -5.92 -24.13 -26.95
C ILE A 73 -5.08 -25.31 -27.42
N LYS A 74 -3.78 -25.33 -27.08
CA LYS A 74 -2.87 -26.43 -27.40
C LYS A 74 -2.84 -26.72 -28.89
N ARG A 75 -2.75 -25.66 -29.70
CA ARG A 75 -2.61 -25.78 -31.14
C ARG A 75 -1.53 -24.83 -31.64
N PHE A 76 -0.52 -24.59 -30.82
CA PHE A 76 0.60 -23.76 -31.21
C PHE A 76 1.39 -24.46 -32.31
N GLY A 77 1.64 -23.75 -33.40
CA GLY A 77 2.37 -24.35 -34.50
C GLY A 77 1.58 -25.37 -35.28
N SER A 78 0.25 -25.19 -35.35
CA SER A 78 -0.62 -26.02 -36.16
C SER A 78 -0.93 -25.28 -37.46
N LYS A 79 -1.51 -26.03 -38.41
CA LYS A 79 -1.89 -25.39 -39.67
C LYS A 79 -2.87 -24.26 -39.40
N ALA A 80 -3.92 -24.53 -38.62
CA ALA A 80 -4.86 -23.49 -38.21
C ALA A 80 -4.14 -22.27 -37.65
N HIS A 81 -3.14 -22.49 -36.78
CA HIS A 81 -2.37 -21.36 -36.26
C HIS A 81 -1.74 -20.56 -37.40
N MET A 82 -0.89 -21.21 -38.20
CA MET A 82 -0.17 -20.51 -39.26
C MET A 82 -1.11 -19.92 -40.29
N ASP A 83 -2.25 -20.58 -40.56
CA ASP A 83 -3.21 -20.04 -41.50
C ASP A 83 -3.84 -18.75 -40.99
N ARG A 84 -4.28 -18.77 -39.72
CA ARG A 84 -4.81 -17.55 -39.11
C ARG A 84 -3.75 -16.45 -39.13
N LEU A 85 -2.49 -16.80 -38.88
CA LEU A 85 -1.42 -15.81 -38.85
C LEU A 85 -1.27 -15.12 -40.19
N GLU A 86 -1.16 -15.91 -41.27
CA GLU A 86 -1.05 -15.30 -42.59
C GLU A 86 -2.34 -14.57 -42.96
N GLU A 87 -3.49 -15.10 -42.55
CA GLU A 87 -4.77 -14.46 -42.82
C GLU A 87 -4.83 -13.06 -42.23
N VAL A 88 -4.50 -12.94 -40.94
CA VAL A 88 -4.45 -11.63 -40.29
C VAL A 88 -3.42 -10.74 -40.96
N ASN A 89 -2.25 -11.31 -41.26
CA ASN A 89 -1.19 -10.56 -41.94
C ASN A 89 -1.68 -9.98 -43.27
N LYS A 90 -2.40 -10.79 -44.06
CA LYS A 90 -2.94 -10.27 -45.33
C LYS A 90 -3.98 -9.18 -45.08
N GLU A 91 -4.87 -9.41 -44.10
CA GLU A 91 -5.86 -8.39 -43.73
C GLU A 91 -5.19 -7.06 -43.37
N ILE A 92 -4.11 -7.12 -42.60
CA ILE A 92 -3.41 -5.90 -42.21
C ILE A 92 -2.75 -5.24 -43.42
N GLU A 93 -2.04 -6.04 -44.23
CA GLU A 93 -1.42 -5.53 -45.45
C GLU A 93 -2.43 -4.80 -46.32
N SER A 94 -3.65 -5.33 -46.41
CA SER A 94 -4.67 -4.78 -47.29
C SER A 94 -5.51 -3.72 -46.60
N THR A 95 -6.18 -4.08 -45.50
CA THR A 95 -7.16 -3.21 -44.86
C THR A 95 -6.55 -2.29 -43.81
N SER A 96 -5.26 -2.43 -43.49
CA SER A 96 -4.53 -1.64 -42.49
C SER A 96 -4.99 -1.93 -41.06
N THR A 97 -5.86 -2.90 -40.87
CA THR A 97 -6.26 -3.39 -39.55
C THR A 97 -6.70 -4.84 -39.72
N TYR A 98 -7.39 -5.38 -38.73
CA TYR A 98 -7.99 -6.70 -38.87
C TYR A 98 -9.12 -6.84 -37.86
N GLN A 99 -9.85 -7.94 -37.98
CA GLN A 99 -10.98 -8.24 -37.11
C GLN A 99 -10.72 -9.53 -36.37
N LEU A 100 -11.13 -9.58 -35.10
CA LEU A 100 -10.96 -10.76 -34.28
C LEU A 100 -12.11 -11.73 -34.52
N LYS A 101 -11.79 -13.02 -34.62
CA LYS A 101 -12.82 -14.04 -34.51
C LYS A 101 -13.48 -13.94 -33.14
N ASP A 102 -14.75 -14.35 -33.07
CA ASP A 102 -15.47 -14.30 -31.80
C ASP A 102 -14.70 -15.00 -30.68
N THR A 103 -14.10 -16.16 -31.00
CA THR A 103 -13.38 -16.92 -29.98
C THR A 103 -12.18 -16.15 -29.44
N GLU A 104 -11.41 -15.52 -30.34
CA GLU A 104 -10.28 -14.68 -29.94
C GLU A 104 -10.75 -13.43 -29.19
N LEU A 105 -11.96 -12.96 -29.49
CA LEU A 105 -12.47 -11.80 -28.78
C LEU A 105 -12.82 -12.16 -27.33
N ILE A 106 -13.48 -13.29 -27.13
CA ILE A 106 -13.79 -13.75 -25.78
C ILE A 106 -12.52 -13.98 -24.99
N TYR A 107 -11.55 -14.65 -25.62
CA TYR A 107 -10.27 -14.91 -24.98
C TYR A 107 -9.59 -13.61 -24.57
N GLY A 108 -9.51 -12.65 -25.49
CA GLY A 108 -8.84 -11.39 -25.20
C GLY A 108 -9.50 -10.61 -24.07
N ALA A 109 -10.84 -10.66 -24.00
CA ALA A 109 -11.54 -9.95 -22.92
C ALA A 109 -11.30 -10.62 -21.56
N LYS A 110 -11.40 -11.95 -21.50
CA LYS A 110 -11.19 -12.63 -20.24
C LYS A 110 -9.76 -12.41 -19.76
N HIS A 111 -8.80 -12.37 -20.70
CA HIS A 111 -7.40 -12.23 -20.29
C HIS A 111 -7.03 -10.79 -19.96
N ALA A 112 -7.72 -9.80 -20.52
CA ALA A 112 -7.55 -8.44 -20.04
C ALA A 112 -7.94 -8.33 -18.57
N TRP A 113 -9.04 -8.98 -18.18
CA TRP A 113 -9.40 -9.02 -16.77
C TRP A 113 -8.37 -9.80 -15.96
N ARG A 114 -7.97 -10.98 -16.45
CA ARG A 114 -6.97 -11.80 -15.79
C ARG A 114 -5.67 -11.03 -15.55
N ASN A 115 -5.30 -10.14 -16.48
CA ASN A 115 -4.07 -9.38 -16.40
C ASN A 115 -4.22 -8.08 -15.62
N ALA A 116 -5.42 -7.74 -15.14
CA ALA A 116 -5.65 -6.45 -14.49
C ALA A 116 -5.03 -6.48 -13.11
N SER A 117 -3.80 -5.98 -13.00
CA SER A 117 -3.05 -6.21 -11.76
C SER A 117 -3.66 -5.48 -10.58
N ARG A 118 -4.52 -4.50 -10.82
CA ARG A 118 -5.19 -3.76 -9.76
C ARG A 118 -6.48 -4.38 -9.28
N CYS A 119 -6.86 -5.56 -9.76
CA CYS A 119 -8.20 -6.11 -9.52
C CYS A 119 -8.11 -7.27 -8.55
N VAL A 120 -8.77 -7.12 -7.39
CA VAL A 120 -8.76 -8.19 -6.41
C VAL A 120 -9.75 -9.29 -6.76
N GLY A 121 -10.67 -9.05 -7.69
CA GLY A 121 -11.71 -10.01 -7.93
C GLY A 121 -11.40 -11.00 -9.05
N ARG A 122 -10.13 -11.06 -9.48
CA ARG A 122 -9.79 -11.82 -10.67
C ARG A 122 -9.90 -13.33 -10.50
N ILE A 123 -10.29 -13.87 -9.35
CA ILE A 123 -10.44 -15.31 -9.30
C ILE A 123 -11.60 -15.75 -10.18
N GLN A 124 -12.48 -14.81 -10.53
CA GLN A 124 -13.66 -15.04 -11.35
C GLN A 124 -13.40 -14.87 -12.84
N TRP A 125 -12.14 -14.67 -13.24
CA TRP A 125 -11.85 -14.10 -14.55
C TRP A 125 -12.42 -14.95 -15.70
N SER A 126 -12.41 -16.27 -15.55
CA SER A 126 -12.80 -17.14 -16.66
C SER A 126 -14.31 -17.27 -16.85
N LYS A 127 -15.13 -16.73 -15.94
CA LYS A 127 -16.58 -16.81 -16.02
C LYS A 127 -17.20 -15.54 -16.60
N LEU A 128 -16.41 -14.75 -17.33
CA LEU A 128 -16.87 -13.49 -17.87
C LEU A 128 -17.80 -13.72 -19.06
N GLN A 129 -18.93 -13.01 -19.08
CA GLN A 129 -19.90 -13.12 -20.17
C GLN A 129 -19.60 -12.01 -21.17
N VAL A 130 -19.19 -12.39 -22.37
CA VAL A 130 -18.77 -11.43 -23.40
C VAL A 130 -19.94 -11.19 -24.36
N PHE A 131 -20.32 -9.92 -24.52
CA PHE A 131 -21.36 -9.49 -25.43
C PHE A 131 -20.70 -8.74 -26.56
N ASP A 132 -20.66 -9.37 -27.73
CA ASP A 132 -20.08 -8.80 -28.93
C ASP A 132 -21.04 -7.75 -29.48
N ALA A 133 -20.68 -6.48 -29.37
CA ALA A 133 -21.50 -5.40 -29.89
C ALA A 133 -20.84 -4.69 -31.06
N ARG A 134 -19.94 -5.36 -31.77
CA ARG A 134 -19.18 -4.72 -32.83
C ARG A 134 -20.03 -4.40 -34.05
N ASP A 135 -21.26 -4.89 -34.12
CA ASP A 135 -22.16 -4.54 -35.21
C ASP A 135 -22.92 -3.24 -34.95
N CYS A 136 -22.69 -2.61 -33.80
CA CYS A 136 -23.42 -1.41 -33.41
C CYS A 136 -22.96 -0.19 -34.20
N THR A 137 -23.91 0.70 -34.55
CA THR A 137 -23.57 1.91 -35.31
C THR A 137 -24.11 3.22 -34.77
N THR A 138 -25.02 3.22 -33.80
CA THR A 138 -25.66 4.44 -33.33
C THR A 138 -25.72 4.44 -31.82
N ALA A 139 -25.95 5.63 -31.24
CA ALA A 139 -26.06 5.72 -29.79
C ALA A 139 -27.29 5.00 -29.28
N HIS A 140 -28.41 5.09 -30.02
CA HIS A 140 -29.58 4.29 -29.68
C HIS A 140 -29.24 2.80 -29.69
N GLY A 141 -28.46 2.36 -30.67
CA GLY A 141 -27.99 0.99 -30.64
C GLY A 141 -27.16 0.72 -29.39
N MET A 142 -26.22 1.62 -29.07
CA MET A 142 -25.40 1.48 -27.87
C MET A 142 -26.27 1.34 -26.63
N PHE A 143 -27.29 2.20 -26.52
CA PHE A 143 -28.18 2.18 -25.36
C PHE A 143 -28.83 0.83 -25.20
N ASN A 144 -29.30 0.25 -26.31
CA ASN A 144 -29.92 -1.06 -26.30
C ASN A 144 -28.96 -2.13 -25.77
N TYR A 145 -27.75 -2.17 -26.34
CA TYR A 145 -26.75 -3.11 -25.85
C TYR A 145 -26.47 -2.88 -24.37
N ILE A 146 -26.48 -1.62 -23.94
CA ILE A 146 -26.16 -1.34 -22.55
C ILE A 146 -27.30 -1.76 -21.64
N CYS A 147 -28.55 -1.55 -22.06
CA CYS A 147 -29.69 -1.99 -21.26
C CYS A 147 -29.70 -3.50 -21.11
N ASN A 148 -29.37 -4.23 -22.18
CA ASN A 148 -29.30 -5.68 -22.08
C ASN A 148 -28.18 -6.11 -21.14
N HIS A 149 -27.02 -5.48 -21.28
CA HIS A 149 -25.92 -5.71 -20.34
C HIS A 149 -26.40 -5.56 -18.90
N VAL A 150 -26.91 -4.36 -18.58
CA VAL A 150 -27.33 -4.08 -17.21
C VAL A 150 -28.31 -5.13 -16.71
N LYS A 151 -29.27 -5.54 -17.55
CA LYS A 151 -30.28 -6.48 -17.07
C LYS A 151 -29.69 -7.88 -16.94
N TYR A 152 -28.84 -8.28 -17.87
CA TYR A 152 -28.15 -9.57 -17.75
C TYR A 152 -27.27 -9.60 -16.49
N ALA A 153 -26.45 -8.57 -16.33
CA ALA A 153 -25.50 -8.52 -15.21
C ALA A 153 -26.22 -8.46 -13.88
N THR A 154 -27.33 -7.73 -13.83
CA THR A 154 -28.06 -7.55 -12.58
C THR A 154 -28.73 -8.84 -12.14
N ASN A 155 -29.47 -9.48 -13.04
CA ASN A 155 -29.99 -10.82 -12.76
C ASN A 155 -30.80 -10.83 -11.47
N LYS A 156 -31.59 -9.78 -11.27
CA LYS A 156 -32.47 -9.64 -10.10
C LYS A 156 -31.68 -9.74 -8.78
N GLY A 157 -30.41 -9.34 -8.80
CA GLY A 157 -29.57 -9.36 -7.62
C GLY A 157 -28.55 -10.48 -7.57
N ASN A 158 -28.71 -11.50 -8.43
CA ASN A 158 -27.70 -12.57 -8.55
C ASN A 158 -26.69 -12.15 -9.62
N LEU A 159 -25.80 -11.24 -9.22
CA LEU A 159 -24.98 -10.51 -10.19
C LEU A 159 -24.07 -11.45 -10.96
N ARG A 160 -23.84 -11.10 -12.21
CA ARG A 160 -23.02 -11.87 -13.11
C ARG A 160 -22.07 -10.93 -13.81
N SER A 161 -20.82 -11.37 -13.97
CA SER A 161 -19.82 -10.55 -14.64
C SER A 161 -20.10 -10.47 -16.13
N ALA A 162 -19.91 -9.27 -16.69
CA ALA A 162 -20.16 -9.17 -18.12
C ALA A 162 -19.40 -7.99 -18.68
N ILE A 163 -19.04 -8.10 -19.95
CA ILE A 163 -18.47 -7.00 -20.70
C ILE A 163 -19.22 -6.91 -22.03
N THR A 164 -19.40 -5.70 -22.54
CA THR A 164 -19.97 -5.46 -23.85
C THR A 164 -18.98 -4.66 -24.67
N ILE A 165 -18.57 -5.23 -25.81
CA ILE A 165 -17.49 -4.70 -26.63
C ILE A 165 -18.08 -4.09 -27.90
N PHE A 166 -17.94 -2.78 -28.02
CA PHE A 166 -18.38 -2.00 -29.16
C PHE A 166 -17.28 -1.94 -30.21
N PRO A 167 -17.58 -1.41 -31.42
CA PRO A 167 -16.59 -1.47 -32.51
C PRO A 167 -15.24 -0.87 -32.13
N GLN A 168 -14.18 -1.46 -32.69
CA GLN A 168 -12.84 -1.04 -32.35
C GLN A 168 -12.52 0.29 -33.03
N ARG A 169 -11.57 1.01 -32.44
CA ARG A 169 -11.10 2.25 -33.04
C ARG A 169 -10.60 2.00 -34.46
N THR A 170 -10.81 3.00 -35.32
CA THR A 170 -10.31 2.93 -36.69
C THR A 170 -9.28 4.02 -36.98
N ASP A 171 -9.57 5.26 -36.59
CA ASP A 171 -8.65 6.36 -36.85
C ASP A 171 -8.73 7.48 -35.82
N GLY A 172 -9.34 7.27 -34.65
CA GLY A 172 -9.52 8.31 -33.67
C GLY A 172 -10.63 9.29 -33.98
N LYS A 173 -11.06 9.37 -35.24
CA LYS A 173 -12.19 10.21 -35.63
C LYS A 173 -13.53 9.52 -35.40
N HIS A 174 -13.55 8.19 -35.34
CA HIS A 174 -14.78 7.41 -35.32
C HIS A 174 -14.98 6.67 -33.99
N ASP A 175 -14.41 7.18 -32.90
CA ASP A 175 -14.45 6.45 -31.64
C ASP A 175 -15.87 6.25 -31.14
N PHE A 176 -16.14 5.02 -30.68
CA PHE A 176 -17.25 4.79 -29.77
C PHE A 176 -16.77 5.06 -28.34
N ARG A 177 -17.55 5.84 -27.58
CA ARG A 177 -17.24 6.10 -26.17
C ARG A 177 -18.51 6.22 -25.37
N VAL A 178 -18.53 5.56 -24.21
CA VAL A 178 -19.48 5.83 -23.14
C VAL A 178 -18.88 6.95 -22.28
N TRP A 179 -19.53 8.11 -22.25
CA TRP A 179 -18.96 9.26 -21.55
C TRP A 179 -19.01 9.11 -20.04
N ASN A 180 -19.91 8.28 -19.51
CA ASN A 180 -19.98 8.07 -18.07
C ASN A 180 -18.76 7.26 -17.60
N SER A 181 -18.39 7.47 -16.33
CA SER A 181 -17.29 6.68 -15.78
C SER A 181 -17.76 5.29 -15.38
N GLN A 182 -18.99 5.19 -14.84
CA GLN A 182 -19.68 3.93 -14.67
C GLN A 182 -21.05 4.09 -15.28
N LEU A 183 -21.66 2.95 -15.70
CA LEU A 183 -23.00 3.01 -16.29
C LEU A 183 -23.99 3.62 -15.31
N ILE A 184 -23.88 3.24 -14.03
CA ILE A 184 -24.79 3.72 -13.00
C ILE A 184 -23.98 4.53 -12.02
N ARG A 185 -24.33 5.80 -11.86
CA ARG A 185 -23.66 6.67 -10.89
C ARG A 185 -24.62 7.77 -10.48
N TYR A 186 -24.48 8.23 -9.23
CA TYR A 186 -25.38 9.26 -8.71
C TYR A 186 -24.89 10.66 -9.05
N ALA A 187 -25.83 11.55 -9.30
CA ALA A 187 -25.52 12.91 -9.72
C ALA A 187 -24.97 13.73 -8.54
N GLY A 188 -24.25 14.79 -8.88
CA GLY A 188 -23.72 15.71 -7.89
C GLY A 188 -23.81 17.15 -8.31
N TYR A 189 -24.24 18.03 -7.41
CA TYR A 189 -24.43 19.44 -7.73
C TYR A 189 -23.74 20.32 -6.70
N LYS A 190 -23.14 21.40 -7.18
CA LYS A 190 -22.73 22.46 -6.26
C LYS A 190 -23.97 23.13 -5.68
N GLN A 191 -23.83 23.65 -4.50
CA GLN A 191 -24.95 24.39 -3.93
C GLN A 191 -24.68 25.89 -3.99
N PRO A 192 -25.73 26.70 -4.05
CA PRO A 192 -25.55 28.13 -3.73
C PRO A 192 -25.01 28.32 -2.34
N ASP A 193 -25.36 27.42 -1.41
CA ASP A 193 -24.83 27.49 -0.05
C ASP A 193 -23.31 27.31 -0.02
N GLY A 194 -22.76 26.53 -0.95
CA GLY A 194 -21.32 26.38 -1.02
C GLY A 194 -20.83 24.94 -1.04
N SER A 195 -21.52 24.04 -0.35
CA SER A 195 -21.10 22.65 -0.29
C SER A 195 -21.55 21.90 -1.54
N THR A 196 -21.76 20.59 -1.40
CA THR A 196 -22.08 19.75 -2.56
C THR A 196 -23.22 18.80 -2.20
N LEU A 197 -24.24 18.79 -3.05
CA LEU A 197 -25.38 17.89 -2.91
C LEU A 197 -25.20 16.71 -3.85
N GLY A 198 -25.38 15.50 -3.33
CA GLY A 198 -25.19 14.30 -4.11
C GLY A 198 -23.74 13.85 -4.10
N ASP A 199 -23.26 13.35 -5.24
CA ASP A 199 -21.94 12.76 -5.32
C ASP A 199 -20.93 13.79 -5.83
N PRO A 200 -19.92 14.19 -5.03
CA PRO A 200 -18.96 15.19 -5.51
C PRO A 200 -18.07 14.72 -6.65
N ALA A 201 -17.77 13.42 -6.74
CA ALA A 201 -16.94 12.92 -7.84
C ALA A 201 -17.56 13.14 -9.20
N ASN A 202 -18.87 13.32 -9.25
CA ASN A 202 -19.60 13.43 -10.50
C ASN A 202 -20.10 14.84 -10.76
N VAL A 203 -19.51 15.84 -10.08
CA VAL A 203 -19.96 17.22 -10.25
C VAL A 203 -19.81 17.66 -11.70
N GLN A 204 -18.61 17.46 -12.27
CA GLN A 204 -18.37 17.94 -13.62
C GLN A 204 -19.20 17.18 -14.64
N PHE A 205 -19.37 15.87 -14.45
CA PHE A 205 -20.20 15.13 -15.38
C PHE A 205 -21.67 15.50 -15.22
N THR A 206 -22.15 15.62 -13.99
CA THR A 206 -23.50 16.11 -13.78
C THR A 206 -23.72 17.46 -14.44
N GLU A 207 -22.69 18.30 -14.46
CA GLU A 207 -22.79 19.58 -15.15
C GLU A 207 -22.85 19.39 -16.66
N ILE A 208 -21.99 18.52 -17.20
CA ILE A 208 -22.01 18.25 -18.63
C ILE A 208 -23.37 17.73 -19.06
N CYS A 209 -24.03 16.92 -18.22
CA CYS A 209 -25.33 16.38 -18.58
C CYS A 209 -26.41 17.47 -18.64
N ILE A 210 -26.44 18.33 -17.63
CA ILE A 210 -27.40 19.43 -17.63
C ILE A 210 -27.07 20.39 -18.77
N GLN A 211 -25.80 20.78 -18.88
CA GLN A 211 -25.28 21.59 -19.96
C GLN A 211 -25.40 20.85 -21.30
N GLN A 212 -26.07 19.69 -21.28
CA GLN A 212 -26.41 18.94 -22.47
C GLN A 212 -27.90 18.82 -22.72
N GLY A 213 -28.74 19.04 -21.71
CA GLY A 213 -30.17 18.94 -21.88
C GLY A 213 -30.86 18.13 -20.79
N TRP A 214 -30.08 17.50 -19.93
CA TRP A 214 -30.65 16.71 -18.85
C TRP A 214 -31.35 17.61 -17.83
N LYS A 215 -32.54 17.20 -17.39
CA LYS A 215 -33.25 17.90 -16.32
C LYS A 215 -33.01 17.14 -15.01
N ALA A 216 -32.18 17.71 -14.17
CA ALA A 216 -31.81 17.02 -12.94
C ALA A 216 -32.92 17.13 -11.90
N PRO A 217 -33.31 16.03 -11.27
CA PRO A 217 -34.21 16.14 -10.09
C PRO A 217 -33.56 16.90 -8.93
N ARG A 218 -32.27 17.16 -9.00
CA ARG A 218 -31.49 17.80 -7.94
C ARG A 218 -31.81 17.18 -6.58
N GLY A 219 -31.57 15.87 -6.51
CA GLY A 219 -31.63 15.14 -5.27
C GLY A 219 -30.26 14.67 -4.83
N ARG A 220 -30.26 13.84 -3.80
CA ARG A 220 -29.01 13.27 -3.31
C ARG A 220 -28.56 12.11 -4.18
N PHE A 221 -29.48 11.23 -4.54
CA PHE A 221 -29.18 9.98 -5.23
C PHE A 221 -29.92 9.96 -6.57
N ASP A 222 -29.56 10.87 -7.47
CA ASP A 222 -30.13 10.93 -8.81
C ASP A 222 -29.29 10.07 -9.73
N VAL A 223 -29.86 8.96 -10.23
CA VAL A 223 -29.16 8.13 -11.21
C VAL A 223 -28.86 8.97 -12.44
N LEU A 224 -27.60 9.06 -12.82
CA LEU A 224 -27.24 9.87 -13.98
C LEU A 224 -27.74 9.22 -15.26
N PRO A 225 -28.02 10.01 -16.30
CA PRO A 225 -28.35 9.44 -17.60
C PRO A 225 -27.07 8.99 -18.31
N LEU A 226 -27.26 8.18 -19.35
CA LEU A 226 -26.11 7.75 -20.14
C LEU A 226 -25.86 8.75 -21.26
N LEU A 227 -24.57 8.93 -21.59
CA LEU A 227 -24.12 9.90 -22.58
C LEU A 227 -23.25 9.11 -23.56
N LEU A 228 -23.86 8.70 -24.67
CA LEU A 228 -23.28 7.69 -25.53
C LEU A 228 -22.82 8.32 -26.84
N GLN A 229 -21.66 7.89 -27.31
CA GLN A 229 -21.01 8.45 -28.49
C GLN A 229 -20.70 7.32 -29.45
N ALA A 230 -21.34 7.33 -30.61
CA ALA A 230 -21.13 6.32 -31.64
C ALA A 230 -20.43 6.97 -32.84
N ASN A 231 -19.42 6.28 -33.35
CA ASN A 231 -18.74 6.68 -34.59
C ASN A 231 -18.23 8.12 -34.52
N GLY A 232 -18.00 8.65 -33.31
CA GLY A 232 -17.43 9.96 -33.16
C GLY A 232 -18.39 11.13 -33.26
N ASN A 233 -19.70 10.88 -33.24
CA ASN A 233 -20.65 11.98 -33.31
C ASN A 233 -20.86 12.59 -31.92
N ASP A 234 -21.65 13.66 -31.86
CA ASP A 234 -22.03 14.21 -30.56
C ASP A 234 -22.74 13.12 -29.74
N PRO A 235 -22.49 13.05 -28.44
CA PRO A 235 -23.19 12.07 -27.61
C PRO A 235 -24.63 12.48 -27.36
N GLU A 236 -25.42 11.47 -26.97
CA GLU A 236 -26.86 11.64 -26.75
C GLU A 236 -27.24 11.09 -25.38
N LEU A 237 -28.18 11.76 -24.72
CA LEU A 237 -28.63 11.34 -23.40
C LEU A 237 -29.63 10.19 -23.50
N PHE A 238 -29.54 9.25 -22.56
CA PHE A 238 -30.49 8.15 -22.43
C PHE A 238 -30.68 7.82 -20.97
N GLN A 239 -31.92 7.87 -20.49
CA GLN A 239 -32.23 7.46 -19.12
C GLN A 239 -32.36 5.93 -19.05
N ILE A 240 -31.47 5.30 -18.27
CA ILE A 240 -31.59 3.86 -17.99
C ILE A 240 -32.91 3.60 -17.29
N PRO A 241 -33.75 2.69 -17.80
CA PRO A 241 -35.05 2.42 -17.17
C PRO A 241 -34.87 2.07 -15.69
N PRO A 242 -35.64 2.72 -14.82
CA PRO A 242 -35.41 2.54 -13.37
C PRO A 242 -35.58 1.09 -12.91
N GLU A 243 -36.44 0.32 -13.58
CA GLU A 243 -36.63 -1.07 -13.21
C GLU A 243 -35.41 -1.93 -13.51
N LEU A 244 -34.41 -1.40 -14.22
CA LEU A 244 -33.15 -2.10 -14.44
C LEU A 244 -32.04 -1.65 -13.50
N VAL A 245 -32.31 -0.64 -12.66
CA VAL A 245 -31.30 -0.11 -11.75
C VAL A 245 -31.63 -0.58 -10.34
N LEU A 246 -31.03 -1.69 -9.95
CA LEU A 246 -31.24 -2.26 -8.63
C LEU A 246 -30.50 -1.41 -7.59
N GLU A 247 -31.23 -0.90 -6.60
CA GLU A 247 -30.66 -0.13 -5.50
C GLU A 247 -30.94 -0.83 -4.18
N VAL A 248 -30.03 -0.64 -3.23
CA VAL A 248 -30.16 -1.23 -1.90
C VAL A 248 -30.31 -0.12 -0.87
N PRO A 249 -31.45 -0.03 -0.19
CA PRO A 249 -31.57 0.92 0.92
C PRO A 249 -30.68 0.48 2.07
N ILE A 250 -29.95 1.42 2.65
CA ILE A 250 -28.88 1.09 3.59
C ILE A 250 -29.41 1.26 5.02
N ARG A 251 -29.48 0.15 5.75
CA ARG A 251 -29.84 0.15 7.17
C ARG A 251 -28.79 -0.63 7.97
N HIS A 252 -28.74 -0.39 9.29
CA HIS A 252 -27.78 -1.09 10.14
C HIS A 252 -28.46 -2.21 10.92
N PRO A 253 -27.85 -3.39 11.00
CA PRO A 253 -28.52 -4.52 11.68
C PRO A 253 -28.69 -4.33 13.19
N LYS A 254 -28.21 -3.23 13.76
CA LYS A 254 -28.35 -2.93 15.19
C LYS A 254 -28.91 -1.55 15.47
N PHE A 255 -28.48 -0.53 14.75
CA PHE A 255 -28.88 0.85 15.03
C PHE A 255 -30.10 1.19 14.18
N ASP A 256 -31.26 1.34 14.84
CA ASP A 256 -32.48 1.66 14.12
C ASP A 256 -32.42 3.05 13.49
N TRP A 257 -31.68 3.97 14.09
CA TRP A 257 -31.59 5.31 13.52
C TRP A 257 -30.83 5.33 12.20
N PHE A 258 -30.24 4.21 11.76
CA PHE A 258 -29.40 4.24 10.57
C PHE A 258 -30.23 4.47 9.31
N LYS A 259 -31.41 3.84 9.23
CA LYS A 259 -32.32 4.07 8.11
C LYS A 259 -32.61 5.55 7.90
N ASP A 260 -32.79 6.30 8.99
CA ASP A 260 -33.15 7.70 8.89
C ASP A 260 -32.08 8.55 8.21
N LEU A 261 -30.85 8.03 8.07
CA LEU A 261 -29.83 8.76 7.34
C LEU A 261 -30.18 8.93 5.87
N GLY A 262 -31.07 8.09 5.35
CA GLY A 262 -31.52 8.22 3.98
C GLY A 262 -30.47 7.86 2.96
N LEU A 263 -29.81 6.72 3.15
CA LEU A 263 -28.73 6.28 2.28
C LEU A 263 -29.17 5.06 1.46
N LYS A 264 -28.71 5.01 0.22
CA LYS A 264 -28.86 3.85 -0.62
C LYS A 264 -27.69 3.82 -1.58
N TRP A 265 -27.45 2.65 -2.17
CA TRP A 265 -26.48 2.55 -3.24
C TRP A 265 -26.98 1.56 -4.26
N TYR A 266 -26.44 1.68 -5.47
CA TYR A 266 -26.81 0.79 -6.56
C TYR A 266 -26.02 -0.51 -6.46
N GLY A 267 -26.63 -1.58 -6.95
CA GLY A 267 -26.01 -2.87 -6.81
C GLY A 267 -24.99 -3.22 -7.87
N LEU A 268 -24.91 -2.47 -8.98
CA LEU A 268 -24.07 -2.89 -10.11
C LEU A 268 -22.88 -1.96 -10.33
N PRO A 269 -21.64 -2.36 -9.97
CA PRO A 269 -20.46 -1.59 -10.39
C PRO A 269 -20.10 -1.95 -11.84
N ALA A 270 -20.26 -0.98 -12.73
CA ALA A 270 -20.12 -1.22 -14.16
C ALA A 270 -19.23 -0.14 -14.74
N VAL A 271 -17.93 -0.41 -14.84
CA VAL A 271 -16.97 0.61 -15.26
C VAL A 271 -17.04 0.77 -16.76
N SER A 272 -17.09 2.03 -17.23
CA SER A 272 -17.32 2.23 -18.65
C SER A 272 -16.41 3.22 -19.34
N ASN A 273 -15.35 3.72 -18.69
CA ASN A 273 -14.46 4.67 -19.35
C ASN A 273 -13.12 4.07 -19.75
N MET A 274 -12.95 2.75 -19.65
CA MET A 274 -11.62 2.20 -19.93
C MET A 274 -11.51 1.71 -21.37
N LEU A 275 -10.27 1.49 -21.78
CA LEU A 275 -9.96 1.04 -23.13
C LEU A 275 -9.41 -0.39 -23.06
N LEU A 276 -10.00 -1.27 -23.85
CA LEU A 276 -9.58 -2.67 -23.92
C LEU A 276 -8.67 -2.86 -25.13
N GLU A 277 -7.48 -3.40 -24.89
CA GLU A 277 -6.51 -3.60 -25.96
C GLU A 277 -6.31 -5.09 -26.18
N ILE A 278 -6.59 -5.57 -27.38
CA ILE A 278 -6.36 -6.97 -27.75
C ILE A 278 -5.63 -7.02 -29.09
N GLY A 279 -4.48 -7.68 -29.12
CA GLY A 279 -3.75 -7.84 -30.37
C GLY A 279 -3.50 -6.55 -31.10
N GLY A 280 -3.20 -5.48 -30.35
CA GLY A 280 -3.02 -4.17 -30.93
C GLY A 280 -4.28 -3.40 -31.26
N LEU A 281 -5.44 -4.06 -31.30
CA LEU A 281 -6.70 -3.37 -31.59
C LEU A 281 -7.23 -2.71 -30.32
N GLU A 282 -7.79 -1.51 -30.48
CA GLU A 282 -8.26 -0.70 -29.35
C GLU A 282 -9.78 -0.59 -29.36
N PHE A 283 -10.41 -1.02 -28.26
CA PHE A 283 -11.86 -0.94 -28.05
C PHE A 283 -12.13 0.16 -27.02
N SER A 284 -12.48 1.36 -27.51
CA SER A 284 -12.63 2.56 -26.69
C SER A 284 -13.90 2.56 -25.86
N ALA A 285 -14.81 1.63 -26.13
CA ALA A 285 -16.10 1.55 -25.46
C ALA A 285 -16.28 0.07 -25.13
N CYS A 286 -16.08 -0.27 -23.87
CA CYS A 286 -16.17 -1.66 -23.46
C CYS A 286 -16.64 -1.72 -22.01
N PRO A 287 -17.84 -1.21 -21.72
CA PRO A 287 -18.33 -1.22 -20.33
C PRO A 287 -18.35 -2.64 -19.78
N PHE A 288 -17.83 -2.80 -18.57
CA PHE A 288 -17.83 -4.10 -17.93
C PHE A 288 -18.29 -3.99 -16.48
N SER A 289 -18.68 -5.12 -15.92
CA SER A 289 -19.44 -5.09 -14.69
C SER A 289 -19.14 -6.39 -13.97
N GLY A 290 -19.03 -6.31 -12.65
CA GLY A 290 -19.03 -7.50 -11.81
C GLY A 290 -19.96 -7.26 -10.64
N TRP A 291 -19.42 -7.30 -9.41
CA TRP A 291 -20.19 -6.96 -8.23
C TRP A 291 -19.26 -6.28 -7.21
N TYR A 292 -19.87 -5.61 -6.24
CA TYR A 292 -19.11 -4.75 -5.34
C TYR A 292 -18.37 -5.53 -4.26
N MET A 293 -17.18 -5.08 -3.93
CA MET A 293 -16.64 -5.34 -2.60
C MET A 293 -17.19 -4.27 -1.69
N GLY A 294 -17.59 -4.68 -0.48
CA GLY A 294 -18.28 -3.78 0.43
C GLY A 294 -17.58 -2.46 0.67
N THR A 295 -16.24 -2.48 0.84
CA THR A 295 -15.52 -1.26 1.16
C THR A 295 -15.54 -0.24 0.03
N GLU A 296 -15.75 -0.65 -1.22
CA GLU A 296 -15.85 0.31 -2.31
C GLU A 296 -16.98 1.32 -2.08
N ILE A 297 -18.11 0.86 -1.57
CA ILE A 297 -19.22 1.74 -1.19
C ILE A 297 -18.97 2.36 0.18
N GLY A 298 -18.70 1.52 1.18
CA GLY A 298 -18.70 2.00 2.56
C GLY A 298 -17.52 2.90 2.86
N VAL A 299 -16.33 2.48 2.46
CA VAL A 299 -15.13 3.23 2.83
C VAL A 299 -14.92 4.43 1.90
N ARG A 300 -14.92 4.17 0.60
CA ARG A 300 -14.58 5.18 -0.40
C ARG A 300 -15.78 6.05 -0.77
N ASP A 301 -16.87 5.43 -1.24
CA ASP A 301 -18.02 6.19 -1.71
C ASP A 301 -18.64 7.01 -0.58
N TYR A 302 -18.73 6.45 0.63
CA TYR A 302 -19.44 7.12 1.70
C TYR A 302 -18.57 8.03 2.55
N CYS A 303 -17.28 7.69 2.75
CA CYS A 303 -16.46 8.32 3.76
C CYS A 303 -15.25 9.11 3.25
N ASP A 304 -14.86 8.97 1.98
CA ASP A 304 -13.86 9.85 1.40
C ASP A 304 -14.28 11.31 1.60
N ASN A 305 -13.32 12.16 1.98
CA ASN A 305 -13.61 13.57 2.14
C ASN A 305 -14.06 14.20 0.82
N SER A 306 -13.55 13.68 -0.31
CA SER A 306 -13.95 14.13 -1.63
C SER A 306 -15.21 13.45 -2.13
N ARG A 307 -15.92 12.69 -1.28
CA ARG A 307 -17.16 12.03 -1.68
C ARG A 307 -18.29 12.36 -0.70
N TYR A 308 -19.12 11.37 -0.35
CA TYR A 308 -20.31 11.65 0.47
C TYR A 308 -19.94 12.08 1.89
N ASN A 309 -18.82 11.59 2.42
CA ASN A 309 -18.18 12.16 3.62
C ASN A 309 -19.16 12.27 4.81
N ILE A 310 -19.88 11.18 5.06
CA ILE A 310 -20.96 11.21 6.06
C ILE A 310 -20.43 10.76 7.41
N LEU A 311 -19.10 10.68 7.55
CA LEU A 311 -18.50 10.14 8.76
C LEU A 311 -18.92 10.92 10.00
N GLU A 312 -18.87 12.24 9.94
CA GLU A 312 -19.18 13.03 11.13
C GLU A 312 -20.62 12.82 11.57
N GLU A 313 -21.57 12.87 10.61
CA GLU A 313 -22.98 12.69 10.94
C GLU A 313 -23.23 11.35 11.61
N VAL A 314 -22.57 10.30 11.13
CA VAL A 314 -22.74 8.96 11.69
C VAL A 314 -22.19 8.90 13.11
N ALA A 315 -20.97 9.41 13.30
CA ALA A 315 -20.36 9.38 14.63
C ALA A 315 -21.17 10.18 15.62
N LYS A 316 -21.64 11.36 15.21
CA LYS A 316 -22.54 12.17 16.01
C LYS A 316 -23.74 11.35 16.48
N LYS A 317 -24.42 10.71 15.53
CA LYS A 317 -25.57 9.87 15.86
C LYS A 317 -25.21 8.68 16.74
N MET A 318 -23.92 8.34 16.84
CA MET A 318 -23.46 7.32 17.78
C MET A 318 -23.00 7.91 19.11
N ASP A 319 -23.09 9.23 19.28
CA ASP A 319 -22.57 9.95 20.43
C ASP A 319 -21.17 9.46 20.80
N LEU A 320 -20.28 9.57 19.83
CA LEU A 320 -18.86 9.28 20.06
C LEU A 320 -18.14 10.59 20.34
N ASP A 321 -17.06 10.50 21.11
CA ASP A 321 -16.28 11.68 21.47
C ASP A 321 -15.48 12.10 20.25
N MET A 322 -15.98 13.09 19.53
CA MET A 322 -15.35 13.60 18.32
C MET A 322 -14.41 14.76 18.58
N ARG A 323 -13.97 14.95 19.82
CA ARG A 323 -13.14 16.11 20.14
C ARG A 323 -11.67 15.88 19.81
N LYS A 324 -11.17 14.66 19.96
CA LYS A 324 -9.80 14.34 19.58
C LYS A 324 -9.80 13.14 18.63
N THR A 325 -8.80 13.11 17.75
CA THR A 325 -8.75 12.01 16.80
C THR A 325 -8.41 10.69 17.47
N SER A 326 -7.70 10.75 18.60
CA SER A 326 -7.26 9.54 19.28
C SER A 326 -8.39 8.73 19.90
N SER A 327 -9.62 9.23 19.94
CA SER A 327 -10.72 8.33 20.30
C SER A 327 -11.04 7.33 19.19
N LEU A 328 -10.46 7.50 18.00
CA LEU A 328 -10.73 6.66 16.84
C LEU A 328 -12.22 6.63 16.51
N TRP A 329 -12.89 7.77 16.69
CA TRP A 329 -14.31 7.82 16.36
C TRP A 329 -14.55 7.59 14.87
N LYS A 330 -13.69 8.14 14.00
CA LYS A 330 -13.81 7.87 12.56
C LYS A 330 -13.71 6.39 12.27
N ASP A 331 -12.71 5.71 12.86
CA ASP A 331 -12.54 4.29 12.67
C ASP A 331 -13.76 3.52 13.14
N GLN A 332 -14.32 3.89 14.29
CA GLN A 332 -15.48 3.21 14.82
C GLN A 332 -16.69 3.38 13.91
N ALA A 333 -16.93 4.61 13.47
CA ALA A 333 -18.00 4.89 12.53
C ALA A 333 -17.76 4.15 11.21
N LEU A 334 -16.54 4.25 10.67
CA LEU A 334 -16.27 3.61 9.39
C LEU A 334 -16.65 2.13 9.40
N VAL A 335 -16.35 1.44 10.50
CA VAL A 335 -16.66 0.02 10.58
C VAL A 335 -18.18 -0.20 10.58
N GLU A 336 -18.91 0.60 11.36
CA GLU A 336 -20.37 0.42 11.42
C GLU A 336 -20.99 0.66 10.05
N ILE A 337 -20.60 1.75 9.38
CA ILE A 337 -21.07 2.02 8.02
C ILE A 337 -20.87 0.78 7.14
N ASN A 338 -19.67 0.20 7.21
CA ASN A 338 -19.36 -0.91 6.32
C ASN A 338 -20.06 -2.20 6.75
N ILE A 339 -20.35 -2.35 8.05
CA ILE A 339 -21.22 -3.44 8.48
C ILE A 339 -22.62 -3.26 7.87
N ALA A 340 -23.09 -2.01 7.82
CA ALA A 340 -24.43 -1.72 7.33
C ALA A 340 -24.56 -2.00 5.83
N VAL A 341 -23.56 -1.59 5.05
CA VAL A 341 -23.59 -1.83 3.60
C VAL A 341 -23.72 -3.32 3.32
N LEU A 342 -22.86 -4.12 3.94
CA LEU A 342 -22.90 -5.57 3.78
C LEU A 342 -24.23 -6.14 4.25
N TYR A 343 -24.73 -5.67 5.40
CA TYR A 343 -25.96 -6.22 5.93
C TYR A 343 -27.14 -5.89 5.03
N SER A 344 -27.13 -4.70 4.44
CA SER A 344 -28.18 -4.27 3.55
C SER A 344 -28.20 -5.12 2.28
N PHE A 345 -27.06 -5.18 1.58
CA PHE A 345 -26.96 -5.99 0.36
C PHE A 345 -27.33 -7.45 0.63
N GLN A 346 -26.81 -8.00 1.73
CA GLN A 346 -27.08 -9.41 2.02
C GLN A 346 -28.55 -9.65 2.32
N SER A 347 -29.17 -8.74 3.05
CA SER A 347 -30.58 -8.87 3.38
C SER A 347 -31.43 -8.80 2.12
N ASP A 348 -31.07 -7.91 1.19
CA ASP A 348 -31.81 -7.75 -0.06
C ASP A 348 -31.38 -8.74 -1.13
N LYS A 349 -30.52 -9.68 -0.79
CA LYS A 349 -30.11 -10.75 -1.71
C LYS A 349 -29.41 -10.19 -2.95
N VAL A 350 -28.64 -9.12 -2.76
CA VAL A 350 -27.78 -8.58 -3.82
C VAL A 350 -26.37 -9.09 -3.56
N THR A 351 -25.71 -9.57 -4.62
CA THR A 351 -24.36 -10.06 -4.46
C THR A 351 -23.46 -8.95 -3.94
N ILE A 352 -22.64 -9.29 -2.95
CA ILE A 352 -21.61 -8.38 -2.48
C ILE A 352 -20.59 -9.25 -1.78
N VAL A 353 -19.34 -8.81 -1.78
CA VAL A 353 -18.29 -9.54 -1.07
C VAL A 353 -17.65 -8.59 -0.07
N ASP A 354 -17.31 -9.11 1.09
CA ASP A 354 -16.59 -8.32 2.07
C ASP A 354 -15.09 -8.40 1.80
N HIS A 355 -14.34 -7.40 2.29
CA HIS A 355 -12.91 -7.36 1.99
C HIS A 355 -12.18 -8.58 2.55
N HIS A 356 -12.68 -9.22 3.60
CA HIS A 356 -11.99 -10.41 4.10
C HIS A 356 -12.15 -11.56 3.13
N SER A 357 -13.37 -11.78 2.65
CA SER A 357 -13.60 -12.87 1.71
C SER A 357 -12.86 -12.63 0.40
N ALA A 358 -12.96 -11.41 -0.15
CA ALA A 358 -12.37 -11.10 -1.46
C ALA A 358 -10.85 -11.25 -1.46
N THR A 359 -10.18 -10.80 -0.40
CA THR A 359 -8.72 -10.89 -0.38
C THR A 359 -8.29 -12.33 -0.19
N GLU A 360 -9.04 -13.08 0.62
CA GLU A 360 -8.76 -14.51 0.76
C GLU A 360 -8.90 -15.21 -0.59
N SER A 361 -9.94 -14.86 -1.37
CA SER A 361 -10.07 -15.43 -2.71
C SER A 361 -8.86 -15.10 -3.55
N PHE A 362 -8.38 -13.86 -3.44
CA PHE A 362 -7.30 -13.44 -4.32
C PHE A 362 -6.01 -14.18 -4.00
N ILE A 363 -5.69 -14.35 -2.71
CA ILE A 363 -4.53 -15.17 -2.34
C ILE A 363 -4.63 -16.55 -2.98
N LYS A 364 -5.81 -17.19 -2.87
CA LYS A 364 -6.02 -18.46 -3.55
C LYS A 364 -5.81 -18.34 -5.05
N HIS A 365 -6.39 -17.28 -5.65
CA HIS A 365 -6.23 -17.05 -7.08
C HIS A 365 -4.76 -16.89 -7.45
N MET A 366 -3.99 -16.20 -6.60
CA MET A 366 -2.56 -16.04 -6.86
C MET A 366 -1.85 -17.39 -6.87
N GLU A 367 -2.06 -18.18 -5.81
CA GLU A 367 -1.50 -19.52 -5.76
C GLU A 367 -1.85 -20.32 -7.02
N ASN A 368 -3.10 -20.22 -7.48
CA ASN A 368 -3.49 -20.90 -8.72
C ASN A 368 -2.68 -20.41 -9.91
N GLU A 369 -2.50 -19.09 -10.02
CA GLU A 369 -1.82 -18.54 -11.20
C GLU A 369 -0.32 -18.83 -11.17
N TYR A 370 0.32 -18.74 -10.00
CA TYR A 370 1.70 -19.19 -9.94
C TYR A 370 1.83 -20.66 -10.30
N ARG A 371 0.83 -21.46 -9.95
CA ARG A 371 0.90 -22.89 -10.22
C ARG A 371 0.62 -23.21 -11.69
N CYS A 372 -0.43 -22.64 -12.27
CA CYS A 372 -0.88 -23.02 -13.62
CA CYS A 372 -0.85 -23.03 -13.61
C CYS A 372 -0.45 -22.03 -14.69
N ARG A 373 0.11 -20.88 -14.33
CA ARG A 373 0.52 -19.89 -15.31
C ARG A 373 1.93 -19.34 -15.10
N GLY A 374 2.52 -19.50 -13.92
CA GLY A 374 3.85 -19.00 -13.66
C GLY A 374 3.90 -17.63 -13.03
N GLY A 375 2.77 -17.11 -12.57
CA GLY A 375 2.75 -15.80 -11.93
C GLY A 375 1.41 -15.14 -12.08
N CYS A 376 1.32 -13.95 -11.49
CA CYS A 376 0.10 -13.18 -11.43
C CYS A 376 0.46 -11.74 -11.15
N PRO A 377 0.37 -10.85 -12.14
CA PRO A 377 0.68 -9.43 -11.89
C PRO A 377 -0.29 -8.85 -10.88
N ALA A 378 0.26 -8.13 -9.90
CA ALA A 378 -0.54 -7.66 -8.79
C ALA A 378 0.02 -6.36 -8.25
N ASP A 379 -0.86 -5.43 -8.00
CA ASP A 379 -0.53 -4.06 -7.58
C ASP A 379 -0.96 -3.94 -6.11
N TRP A 380 0.00 -4.16 -5.20
CA TRP A 380 -0.30 -4.16 -3.77
C TRP A 380 -1.04 -2.90 -3.32
N VAL A 381 -0.67 -1.74 -3.87
CA VAL A 381 -1.31 -0.50 -3.46
C VAL A 381 -2.84 -0.51 -3.75
N TRP A 382 -3.28 -1.27 -4.76
CA TRP A 382 -4.71 -1.38 -5.05
C TRP A 382 -5.36 -2.66 -4.53
N ILE A 383 -4.59 -3.73 -4.35
CA ILE A 383 -5.19 -4.97 -3.86
C ILE A 383 -5.56 -4.87 -2.38
N VAL A 384 -4.74 -4.17 -1.60
CA VAL A 384 -5.00 -4.08 -0.16
C VAL A 384 -6.19 -3.17 0.07
N PRO A 385 -7.20 -3.62 0.82
CA PRO A 385 -8.44 -2.84 0.95
C PRO A 385 -8.18 -1.57 1.71
N PRO A 386 -9.04 -0.55 1.52
CA PRO A 386 -8.83 0.74 2.16
C PRO A 386 -9.22 0.79 3.64
N MET A 387 -9.52 -0.36 4.25
CA MET A 387 -9.65 -0.42 5.70
C MET A 387 -9.13 -1.76 6.18
N SER A 388 -8.72 -1.79 7.45
CA SER A 388 -8.35 -3.04 8.11
C SER A 388 -7.27 -3.79 7.31
N GLY A 389 -6.37 -3.02 6.70
CA GLY A 389 -5.43 -3.60 5.75
C GLY A 389 -4.68 -4.81 6.30
N SER A 390 -4.05 -4.65 7.46
CA SER A 390 -3.13 -5.69 7.91
C SER A 390 -3.83 -6.93 8.45
N ILE A 391 -5.15 -6.89 8.68
CA ILE A 391 -5.80 -8.12 9.12
C ILE A 391 -6.34 -8.86 7.89
N THR A 392 -5.92 -8.43 6.70
CA THR A 392 -6.30 -9.23 5.55
C THR A 392 -5.05 -9.94 5.00
N PRO A 393 -5.21 -11.12 4.40
CA PRO A 393 -4.01 -11.90 4.01
C PRO A 393 -3.16 -11.22 2.96
N VAL A 394 -3.72 -10.28 2.17
CA VAL A 394 -2.94 -9.70 1.09
C VAL A 394 -1.94 -8.65 1.57
N PHE A 395 -2.18 -8.05 2.75
CA PHE A 395 -1.23 -7.10 3.32
C PHE A 395 0.16 -7.69 3.42
N HIS A 396 0.24 -8.95 3.85
CA HIS A 396 1.51 -9.62 4.10
C HIS A 396 2.06 -10.32 2.89
N GLN A 397 1.37 -10.19 1.75
CA GLN A 397 1.75 -10.86 0.51
C GLN A 397 2.61 -9.93 -0.33
N GLU A 398 3.84 -10.33 -0.60
CA GLU A 398 4.60 -9.63 -1.62
C GLU A 398 3.95 -9.88 -2.98
N MET A 399 4.00 -8.87 -3.85
CA MET A 399 3.39 -8.93 -5.17
C MET A 399 4.33 -8.29 -6.17
N LEU A 400 4.33 -8.82 -7.38
CA LEU A 400 5.10 -8.26 -8.48
C LEU A 400 4.13 -7.61 -9.43
N ASN A 401 4.38 -6.35 -9.80
CA ASN A 401 3.49 -5.64 -10.70
C ASN A 401 4.15 -5.46 -12.06
N TYR A 402 3.47 -5.91 -13.11
CA TYR A 402 3.94 -5.75 -14.48
C TYR A 402 2.72 -5.79 -15.41
N ARG A 403 2.92 -5.26 -16.61
CA ARG A 403 1.83 -4.99 -17.53
C ARG A 403 1.86 -6.04 -18.63
N LEU A 404 0.86 -6.93 -18.62
CA LEU A 404 0.70 -7.96 -19.62
C LEU A 404 -0.43 -7.56 -20.57
N THR A 405 -0.47 -8.21 -21.72
CA THR A 405 -1.54 -7.90 -22.66
C THR A 405 -2.21 -9.19 -23.12
N PRO A 406 -3.52 -9.16 -23.43
CA PRO A 406 -4.50 -8.06 -23.47
C PRO A 406 -4.68 -7.30 -22.15
N SER A 407 -5.14 -6.05 -22.23
CA SER A 407 -5.21 -5.23 -21.03
C SER A 407 -6.33 -4.21 -21.14
N PHE A 408 -6.81 -3.78 -19.97
CA PHE A 408 -7.61 -2.58 -19.84
C PHE A 408 -6.69 -1.42 -19.51
N GLU A 409 -6.87 -0.31 -20.21
CA GLU A 409 -6.06 0.86 -20.04
C GLU A 409 -6.98 2.05 -19.74
N TYR A 410 -6.39 3.07 -19.12
CA TYR A 410 -7.04 4.35 -18.99
C TYR A 410 -7.00 5.09 -20.32
N GLN A 411 -7.93 6.01 -20.49
CA GLN A 411 -7.97 6.86 -21.67
C GLN A 411 -8.50 8.21 -21.22
N PRO A 412 -8.15 9.29 -21.91
CA PRO A 412 -8.63 10.60 -21.48
C PRO A 412 -10.15 10.68 -21.52
N ASP A 413 -10.68 11.54 -20.68
CA ASP A 413 -12.11 11.78 -20.69
C ASP A 413 -12.52 12.34 -22.07
N PRO A 414 -13.65 11.90 -22.61
CA PRO A 414 -13.97 12.28 -24.00
C PRO A 414 -14.24 13.76 -24.17
N TRP A 415 -14.68 14.47 -23.12
CA TRP A 415 -15.04 15.87 -23.30
C TRP A 415 -13.83 16.77 -23.44
N ASN A 416 -12.63 16.25 -23.19
CA ASN A 416 -11.41 17.00 -23.47
C ASN A 416 -10.86 16.71 -24.86
N THR A 417 -11.39 15.71 -25.55
CA THR A 417 -10.86 15.25 -26.83
C THR A 417 -11.81 15.46 -27.99
N HIS A 418 -13.09 15.16 -27.78
CA HIS A 418 -14.05 15.12 -28.89
C HIS A 418 -14.18 16.48 -29.57
N VAL A 419 -13.95 16.48 -30.88
CA VAL A 419 -14.20 17.64 -31.72
C VAL A 419 -15.70 17.91 -31.71
N TRP A 420 -16.13 18.89 -30.92
CA TRP A 420 -17.54 19.05 -30.58
C TRP A 420 -18.45 19.44 -31.77
N ARG B 3 15.25 16.80 -15.21
CA ARG B 3 13.93 16.20 -15.35
C ARG B 3 13.10 16.36 -14.07
N PHE B 4 11.98 17.06 -14.19
CA PHE B 4 11.08 17.34 -13.08
C PHE B 4 9.96 16.31 -13.06
N LEU B 5 9.56 15.89 -11.86
CA LEU B 5 8.50 14.90 -11.68
C LEU B 5 7.42 15.45 -10.75
N LYS B 6 6.16 15.25 -11.12
CA LYS B 6 5.06 15.77 -10.33
C LYS B 6 4.30 14.64 -9.63
N VAL B 7 3.79 14.94 -8.44
CA VAL B 7 2.93 14.05 -7.69
C VAL B 7 1.68 14.82 -7.28
N LYS B 8 0.58 14.11 -7.18
CA LYS B 8 -0.72 14.71 -6.98
C LYS B 8 -1.36 14.11 -5.73
N ASN B 9 -1.93 14.96 -4.90
CA ASN B 9 -2.85 14.51 -3.88
C ASN B 9 -4.23 14.50 -4.50
N TRP B 10 -4.84 13.32 -4.59
CA TRP B 10 -6.09 13.21 -5.35
C TRP B 10 -7.31 13.63 -4.56
N GLU B 11 -7.14 13.92 -3.27
CA GLU B 11 -8.22 14.39 -2.43
C GLU B 11 -8.25 15.92 -2.34
N THR B 12 -7.09 16.57 -2.52
CA THR B 12 -6.94 18.02 -2.50
C THR B 12 -6.52 18.61 -3.84
N ASP B 13 -6.11 17.78 -4.80
CA ASP B 13 -5.57 18.18 -6.10
C ASP B 13 -4.27 18.97 -6.00
N VAL B 14 -3.70 19.14 -4.81
CA VAL B 14 -2.39 19.77 -4.68
C VAL B 14 -1.35 18.96 -5.45
N VAL B 15 -0.57 19.63 -6.29
CA VAL B 15 0.48 18.99 -7.08
C VAL B 15 1.84 19.49 -6.63
N LEU B 16 2.81 18.58 -6.54
CA LEU B 16 4.15 18.89 -6.03
C LEU B 16 5.19 18.41 -7.03
N THR B 17 6.33 19.11 -7.08
CA THR B 17 7.34 18.88 -8.09
C THR B 17 8.61 18.39 -7.42
N ASP B 18 9.06 17.20 -7.82
CA ASP B 18 10.23 16.57 -7.20
C ASP B 18 11.42 16.76 -8.13
N THR B 19 12.45 17.44 -7.63
CA THR B 19 13.74 17.45 -8.28
C THR B 19 14.79 16.65 -7.52
N LEU B 20 14.54 16.35 -6.25
CA LEU B 20 15.54 15.71 -5.38
C LEU B 20 15.88 14.30 -5.84
N HIS B 21 14.96 13.63 -6.55
CA HIS B 21 15.21 12.29 -7.05
C HIS B 21 16.41 12.24 -7.99
N LEU B 22 16.79 13.38 -8.55
CA LEU B 22 18.01 13.45 -9.35
C LEU B 22 19.26 13.17 -8.52
N LYS B 23 19.25 13.48 -7.22
CA LYS B 23 20.37 13.15 -6.34
C LYS B 23 20.36 11.69 -5.91
N SER B 24 19.52 10.85 -6.51
CA SER B 24 19.39 9.46 -6.10
C SER B 24 20.53 8.65 -6.70
N THR B 25 21.27 7.95 -5.85
CA THR B 25 22.37 7.10 -6.28
C THR B 25 21.96 5.63 -6.32
N LEU B 26 21.51 5.08 -5.19
CA LEU B 26 21.23 3.67 -5.05
C LEU B 26 20.10 3.26 -6.00
N GLU B 27 19.83 1.95 -6.05
CA GLU B 27 18.79 1.40 -6.90
C GLU B 27 17.61 0.91 -6.07
N THR B 28 16.43 0.91 -6.69
CA THR B 28 15.19 0.58 -5.99
C THR B 28 14.85 -0.90 -6.01
N GLY B 29 15.39 -1.65 -6.97
CA GLY B 29 14.86 -2.96 -7.28
C GLY B 29 13.87 -2.98 -8.43
N CYS B 30 13.34 -1.83 -8.83
CA CYS B 30 12.39 -1.79 -9.92
C CYS B 30 13.12 -1.69 -11.26
N THR B 31 12.41 -2.03 -12.33
CA THR B 31 12.88 -1.77 -13.69
C THR B 31 11.73 -1.19 -14.49
N GLU B 32 11.99 -0.91 -15.77
CA GLU B 32 10.95 -0.44 -16.67
C GLU B 32 9.85 -1.47 -16.86
N HIS B 33 10.12 -2.75 -16.57
CA HIS B 33 9.20 -3.82 -16.85
C HIS B 33 8.66 -4.52 -15.61
N ILE B 34 9.16 -4.18 -14.42
CA ILE B 34 8.60 -4.77 -13.22
C ILE B 34 8.71 -3.77 -12.09
N CYS B 35 7.69 -3.75 -11.22
CA CYS B 35 7.69 -2.95 -10.01
C CYS B 35 7.80 -3.90 -8.82
N MET B 36 8.82 -3.69 -8.00
CA MET B 36 9.01 -4.42 -6.76
C MET B 36 8.63 -3.57 -5.55
N GLY B 37 7.77 -2.58 -5.78
CA GLY B 37 7.26 -1.73 -4.70
C GLY B 37 6.80 -2.43 -3.44
N SER B 38 6.29 -3.67 -3.54
CA SER B 38 5.85 -4.35 -2.33
C SER B 38 6.78 -5.47 -1.85
N ILE B 39 7.98 -5.59 -2.41
CA ILE B 39 8.94 -6.56 -1.89
C ILE B 39 9.54 -6.00 -0.59
N MET B 40 9.50 -6.80 0.47
CA MET B 40 9.89 -6.31 1.79
C MET B 40 11.39 -5.98 1.87
N LEU B 41 12.25 -6.79 1.23
CA LEU B 41 13.66 -6.45 1.05
C LEU B 41 14.03 -6.53 -0.42
N PRO B 42 14.11 -5.39 -1.14
CA PRO B 42 14.51 -5.43 -2.55
C PRO B 42 15.98 -5.08 -2.77
N VAL B 52 33.57 -5.58 4.15
CA VAL B 52 33.13 -5.84 2.78
C VAL B 52 32.91 -4.50 2.04
N ARG B 53 34.01 -3.75 1.89
CA ARG B 53 34.09 -2.53 1.09
C ARG B 53 35.51 -1.97 1.13
N THR B 54 36.10 -1.70 -0.05
CA THR B 54 37.50 -1.35 -0.17
C THR B 54 37.68 0.13 -0.52
N LYS B 55 38.94 0.57 -0.43
CA LYS B 55 39.32 1.94 -0.73
C LYS B 55 38.93 2.38 -2.14
N ASP B 56 38.57 1.43 -3.01
CA ASP B 56 38.28 1.75 -4.41
C ASP B 56 37.13 2.75 -4.52
N GLN B 57 35.95 2.37 -4.03
CA GLN B 57 34.77 3.21 -4.14
C GLN B 57 34.57 4.14 -2.94
N LEU B 58 35.44 4.07 -1.92
CA LEU B 58 35.15 4.80 -0.69
C LEU B 58 35.31 6.31 -0.87
N PHE B 59 36.36 6.77 -1.54
CA PHE B 59 36.54 8.22 -1.51
C PHE B 59 35.46 8.96 -2.31
N PRO B 60 35.01 8.43 -3.47
CA PRO B 60 33.81 9.01 -4.09
C PRO B 60 32.61 9.08 -3.15
N LEU B 61 32.37 8.02 -2.37
CA LEU B 61 31.26 8.05 -1.43
C LEU B 61 31.49 9.11 -0.35
N ALA B 62 32.74 9.25 0.09
CA ALA B 62 33.05 10.23 1.12
C ALA B 62 32.93 11.66 0.57
N LYS B 63 33.47 11.90 -0.62
CA LYS B 63 33.42 13.24 -1.20
C LYS B 63 31.99 13.70 -1.42
N GLU B 64 31.11 12.79 -1.85
CA GLU B 64 29.72 13.17 -2.06
C GLU B 64 29.07 13.55 -0.72
N PHE B 65 29.26 12.73 0.30
CA PHE B 65 28.74 13.07 1.61
C PHE B 65 29.28 14.42 2.08
N LEU B 66 30.59 14.62 1.96
CA LEU B 66 31.17 15.88 2.41
C LEU B 66 30.65 17.06 1.57
N ASP B 67 30.48 16.86 0.26
CA ASP B 67 29.82 17.89 -0.53
C ASP B 67 28.46 18.23 0.07
N GLN B 68 27.66 17.21 0.38
CA GLN B 68 26.36 17.45 1.02
C GLN B 68 26.53 18.19 2.34
N TYR B 69 27.42 17.68 3.20
CA TYR B 69 27.59 18.26 4.53
C TYR B 69 27.91 19.74 4.43
N TYR B 70 28.88 20.10 3.60
CA TYR B 70 29.29 21.50 3.53
C TYR B 70 28.27 22.36 2.78
N SER B 71 27.51 21.81 1.84
CA SER B 71 26.36 22.54 1.31
C SER B 71 25.38 22.91 2.41
N SER B 72 25.06 21.95 3.29
CA SER B 72 24.04 22.19 4.31
C SER B 72 24.43 23.33 5.25
N ILE B 73 25.73 23.52 5.50
CA ILE B 73 26.19 24.56 6.40
C ILE B 73 26.67 25.80 5.63
N LYS B 74 26.42 25.84 4.31
CA LYS B 74 26.73 27.01 3.48
C LYS B 74 28.22 27.33 3.45
N ARG B 75 29.04 26.27 3.37
CA ARG B 75 30.49 26.42 3.25
C ARG B 75 31.03 25.62 2.09
N PHE B 76 30.22 25.36 1.08
CA PHE B 76 30.66 24.56 -0.06
C PHE B 76 31.78 25.29 -0.79
N GLY B 77 32.85 24.56 -1.10
CA GLY B 77 33.99 25.17 -1.75
C GLY B 77 34.87 26.02 -0.86
N SER B 78 34.55 26.13 0.43
CA SER B 78 35.39 26.90 1.32
C SER B 78 36.69 26.14 1.60
N LYS B 79 37.65 26.84 2.20
CA LYS B 79 38.88 26.18 2.59
C LYS B 79 38.63 25.13 3.66
N ALA B 80 37.63 25.34 4.52
CA ALA B 80 37.25 24.26 5.44
C ALA B 80 36.81 23.03 4.67
N HIS B 81 36.09 23.23 3.56
CA HIS B 81 35.63 22.11 2.74
C HIS B 81 36.79 21.43 2.02
N MET B 82 37.64 22.20 1.33
CA MET B 82 38.71 21.57 0.56
C MET B 82 39.71 20.87 1.47
N ASP B 83 40.00 21.45 2.63
CA ASP B 83 40.95 20.81 3.54
C ASP B 83 40.38 19.49 4.07
N ARG B 84 39.07 19.47 4.39
CA ARG B 84 38.46 18.24 4.88
C ARG B 84 38.52 17.14 3.83
N LEU B 85 38.19 17.48 2.58
CA LEU B 85 38.35 16.53 1.47
C LEU B 85 39.78 16.00 1.40
N GLU B 86 40.76 16.91 1.39
CA GLU B 86 42.16 16.47 1.38
C GLU B 86 42.48 15.58 2.58
N GLU B 87 42.05 16.00 3.77
CA GLU B 87 42.27 15.21 4.97
C GLU B 87 41.69 13.80 4.83
N VAL B 88 40.44 13.70 4.37
CA VAL B 88 39.81 12.39 4.18
C VAL B 88 40.54 11.59 3.11
N ASN B 89 40.97 12.24 2.03
CA ASN B 89 41.70 11.54 0.98
C ASN B 89 42.94 10.85 1.55
N LYS B 90 43.79 11.62 2.24
CA LYS B 90 45.03 11.08 2.79
C LYS B 90 44.76 10.02 3.85
N GLU B 91 43.66 10.16 4.59
CA GLU B 91 43.34 9.15 5.59
C GLU B 91 42.89 7.85 4.92
N ILE B 92 42.17 7.95 3.81
CA ILE B 92 41.72 6.74 3.12
C ILE B 92 42.90 6.02 2.47
N GLU B 93 43.72 6.76 1.71
CA GLU B 93 44.80 6.10 0.98
C GLU B 93 45.85 5.48 1.88
N SER B 94 45.93 5.88 3.15
CA SER B 94 46.92 5.33 4.05
C SER B 94 46.34 4.42 5.11
N THR B 95 45.11 4.68 5.57
CA THR B 95 44.46 3.85 6.57
C THR B 95 43.35 2.97 6.02
N SER B 96 42.92 3.21 4.77
CA SER B 96 41.89 2.48 4.05
C SER B 96 40.48 2.78 4.56
N THR B 97 40.32 3.70 5.50
CA THR B 97 39.01 4.14 5.97
C THR B 97 39.14 5.60 6.37
N TYR B 98 38.15 6.12 7.11
CA TYR B 98 38.32 7.43 7.73
C TYR B 98 37.30 7.59 8.84
N GLN B 99 37.52 8.61 9.66
CA GLN B 99 36.68 8.93 10.81
C GLN B 99 35.89 10.20 10.53
N LEU B 100 34.59 10.16 10.81
CA LEU B 100 33.75 11.34 10.75
C LEU B 100 34.00 12.23 11.98
N LYS B 101 34.00 13.55 11.74
CA LYS B 101 33.91 14.48 12.85
C LYS B 101 32.56 14.34 13.54
N ASP B 102 32.48 14.83 14.78
CA ASP B 102 31.22 14.81 15.51
C ASP B 102 30.09 15.50 14.75
N THR B 103 30.39 16.67 14.17
CA THR B 103 29.38 17.39 13.43
C THR B 103 28.87 16.59 12.24
N GLU B 104 29.78 15.88 11.55
CA GLU B 104 29.40 15.08 10.39
C GLU B 104 28.55 13.88 10.80
N LEU B 105 28.89 13.25 11.92
CA LEU B 105 28.11 12.10 12.41
C LEU B 105 26.68 12.51 12.74
N ILE B 106 26.51 13.65 13.41
CA ILE B 106 25.19 14.12 13.79
C ILE B 106 24.35 14.42 12.56
N TYR B 107 24.91 15.22 11.64
CA TYR B 107 24.27 15.45 10.35
C TYR B 107 23.92 14.14 9.65
N GLY B 108 24.88 13.22 9.61
CA GLY B 108 24.65 11.96 8.91
C GLY B 108 23.51 11.14 9.51
N ALA B 109 23.46 11.04 10.85
CA ALA B 109 22.38 10.28 11.48
C ALA B 109 21.03 10.93 11.21
N LYS B 110 20.96 12.26 11.36
CA LYS B 110 19.71 12.96 11.13
C LYS B 110 19.24 12.79 9.70
N HIS B 111 20.16 12.81 8.74
CA HIS B 111 19.74 12.73 7.36
C HIS B 111 19.41 11.30 6.95
N ALA B 112 20.02 10.29 7.58
CA ALA B 112 19.57 8.93 7.36
C ALA B 112 18.11 8.76 7.78
N TRP B 113 17.72 9.41 8.88
CA TRP B 113 16.31 9.36 9.27
C TRP B 113 15.47 10.19 8.30
N ARG B 114 15.95 11.39 7.94
CA ARG B 114 15.25 12.22 6.96
C ARG B 114 15.00 11.49 5.66
N ASN B 115 15.89 10.57 5.29
CA ASN B 115 15.87 9.87 4.02
C ASN B 115 15.14 8.53 4.10
N ALA B 116 14.61 8.16 5.25
CA ALA B 116 14.01 6.84 5.42
C ALA B 116 12.62 6.89 4.82
N SER B 117 12.48 6.43 3.58
CA SER B 117 11.24 6.68 2.85
C SER B 117 10.05 5.91 3.45
N ARG B 118 10.29 4.85 4.21
CA ARG B 118 9.24 4.10 4.89
C ARG B 118 8.81 4.68 6.24
N CYS B 119 9.28 5.84 6.65
CA CYS B 119 9.07 6.33 8.02
C CYS B 119 8.06 7.45 8.01
N VAL B 120 6.90 7.21 8.64
CA VAL B 120 5.87 8.25 8.72
C VAL B 120 6.20 9.30 9.77
N GLY B 121 7.20 9.06 10.63
CA GLY B 121 7.47 10.00 11.70
C GLY B 121 8.49 11.07 11.39
N ARG B 122 8.81 11.27 10.11
CA ARG B 122 9.97 12.09 9.77
C ARG B 122 9.76 13.58 9.98
N ILE B 123 8.60 14.03 10.43
CA ILE B 123 8.52 15.45 10.77
C ILE B 123 9.48 15.77 11.93
N GLN B 124 9.87 14.77 12.69
CA GLN B 124 10.72 14.98 13.86
C GLN B 124 12.21 14.91 13.56
N TRP B 125 12.61 14.71 12.29
CA TRP B 125 13.94 14.21 11.97
C TRP B 125 15.05 15.12 12.48
N SER B 126 14.80 16.43 12.60
CA SER B 126 15.85 17.33 13.02
C SER B 126 16.03 17.38 14.54
N LYS B 127 15.08 16.84 15.31
CA LYS B 127 15.20 16.79 16.77
C LYS B 127 15.56 15.36 17.18
N LEU B 128 16.74 14.96 16.76
CA LEU B 128 17.27 13.64 17.07
C LEU B 128 18.46 13.86 17.99
N GLN B 129 18.51 13.10 19.07
CA GLN B 129 19.62 13.15 20.00
C GLN B 129 20.61 12.05 19.62
N VAL B 130 21.82 12.45 19.26
CA VAL B 130 22.84 11.54 18.77
C VAL B 130 23.85 11.30 19.88
N PHE B 131 24.00 10.06 20.30
CA PHE B 131 25.01 9.67 21.27
C PHE B 131 26.14 8.97 20.53
N ASP B 132 27.33 9.57 20.59
CA ASP B 132 28.51 9.04 19.94
C ASP B 132 29.14 7.98 20.83
N ALA B 133 28.99 6.71 20.47
CA ALA B 133 29.60 5.61 21.20
C ALA B 133 30.72 4.95 20.42
N ARG B 134 31.41 5.71 19.57
CA ARG B 134 32.50 5.17 18.78
C ARG B 134 33.76 4.87 19.59
N ASP B 135 33.84 5.31 20.85
CA ASP B 135 34.93 4.90 21.72
C ASP B 135 34.64 3.59 22.44
N CYS B 136 33.47 3.00 22.22
CA CYS B 136 33.14 1.73 22.87
C CYS B 136 34.02 0.61 22.33
N THR B 137 34.39 -0.33 23.22
CA THR B 137 35.27 -1.43 22.83
C THR B 137 34.79 -2.80 23.26
N THR B 138 33.86 -2.88 24.21
CA THR B 138 33.44 -4.15 24.80
C THR B 138 31.95 -4.17 24.94
N ALA B 139 31.41 -5.38 25.14
CA ALA B 139 29.97 -5.54 25.28
C ALA B 139 29.45 -4.87 26.55
N HIS B 140 30.17 -5.02 27.66
CA HIS B 140 29.81 -4.28 28.86
C HIS B 140 29.73 -2.79 28.59
N GLY B 141 30.65 -2.26 27.78
CA GLY B 141 30.58 -0.86 27.42
C GLY B 141 29.35 -0.56 26.58
N MET B 142 28.96 -1.51 25.72
CA MET B 142 27.76 -1.34 24.91
C MET B 142 26.52 -1.29 25.77
N PHE B 143 26.41 -2.24 26.71
CA PHE B 143 25.29 -2.27 27.65
C PHE B 143 25.14 -0.95 28.36
N ASN B 144 26.26 -0.38 28.81
CA ASN B 144 26.17 0.88 29.53
C ASN B 144 25.66 1.99 28.63
N TYR B 145 26.14 2.04 27.38
CA TYR B 145 25.65 3.05 26.44
C TYR B 145 24.17 2.84 26.11
N ILE B 146 23.74 1.59 26.02
CA ILE B 146 22.34 1.30 25.73
C ILE B 146 21.46 1.66 26.92
N CYS B 147 21.92 1.34 28.13
CA CYS B 147 21.15 1.72 29.31
C CYS B 147 20.89 3.21 29.32
N ASN B 148 21.92 4.00 29.04
CA ASN B 148 21.80 5.45 29.08
C ASN B 148 20.90 5.96 27.96
N HIS B 149 21.01 5.36 26.78
CA HIS B 149 20.06 5.64 25.73
C HIS B 149 18.62 5.44 26.23
N VAL B 150 18.32 4.24 26.74
CA VAL B 150 16.97 3.92 27.19
C VAL B 150 16.49 4.90 28.23
N LYS B 151 17.38 5.27 29.18
CA LYS B 151 16.94 6.18 30.21
C LYS B 151 16.66 7.55 29.63
N TYR B 152 17.57 8.03 28.78
CA TYR B 152 17.39 9.35 28.16
C TYR B 152 16.14 9.37 27.27
N ALA B 153 16.01 8.37 26.39
CA ALA B 153 14.90 8.35 25.44
C ALA B 153 13.56 8.24 26.17
N THR B 154 13.53 7.46 27.27
CA THR B 154 12.27 7.22 27.97
C THR B 154 11.80 8.46 28.70
N ASN B 155 12.68 9.10 29.49
CA ASN B 155 12.39 10.41 30.06
C ASN B 155 11.06 10.38 30.84
N LYS B 156 10.83 9.28 31.57
CA LYS B 156 9.67 9.11 32.45
C LYS B 156 8.34 9.12 31.70
N GLY B 157 8.36 8.76 30.41
CA GLY B 157 7.18 8.79 29.56
C GLY B 157 7.13 9.93 28.57
N ASN B 158 7.95 10.96 28.77
CA ASN B 158 8.01 12.08 27.83
C ASN B 158 9.10 11.76 26.82
N LEU B 159 8.77 10.87 25.89
CA LEU B 159 9.75 10.23 25.01
C LEU B 159 10.48 11.23 24.14
N ARG B 160 11.75 10.93 23.88
CA ARG B 160 12.68 11.75 23.12
C ARG B 160 13.36 10.86 22.11
N SER B 161 13.44 11.31 20.86
CA SER B 161 14.13 10.56 19.82
C SER B 161 15.63 10.53 20.07
N ALA B 162 16.22 9.35 19.93
CA ALA B 162 17.66 9.23 20.18
C ALA B 162 18.24 8.10 19.35
N ILE B 163 19.50 8.28 18.93
CA ILE B 163 20.29 7.22 18.33
C ILE B 163 21.63 7.14 19.04
N THR B 164 22.12 5.93 19.26
CA THR B 164 23.47 5.68 19.78
C THR B 164 24.28 4.94 18.74
N ILE B 165 25.43 5.49 18.37
CA ILE B 165 26.20 4.99 17.25
C ILE B 165 27.50 4.38 17.75
N PHE B 166 27.66 3.08 17.50
CA PHE B 166 28.83 2.30 17.88
C PHE B 166 29.86 2.34 16.76
N PRO B 167 31.06 1.80 16.98
CA PRO B 167 32.12 1.96 15.97
C PRO B 167 31.76 1.33 14.64
N GLN B 168 32.21 1.98 13.58
CA GLN B 168 31.98 1.56 12.22
C GLN B 168 32.73 0.26 11.94
N ARG B 169 32.23 -0.43 10.93
CA ARG B 169 32.84 -1.64 10.43
C ARG B 169 34.20 -1.34 9.84
N THR B 170 35.10 -2.31 9.93
CA THR B 170 36.43 -2.16 9.36
C THR B 170 36.62 -3.22 8.28
N ASP B 171 37.08 -4.41 8.64
CA ASP B 171 37.17 -5.50 7.68
C ASP B 171 35.95 -6.41 7.70
N GLY B 172 34.89 -6.06 8.42
CA GLY B 172 33.76 -6.95 8.55
C GLY B 172 34.00 -8.13 9.47
N LYS B 173 35.20 -8.29 10.01
CA LYS B 173 35.47 -9.36 10.96
C LYS B 173 35.46 -8.88 12.40
N HIS B 174 35.22 -7.60 12.63
CA HIS B 174 35.27 -7.00 13.96
C HIS B 174 34.02 -6.16 14.23
N ASP B 175 32.87 -6.60 13.72
CA ASP B 175 31.65 -5.81 13.78
C ASP B 175 31.13 -5.63 15.21
N PHE B 176 30.60 -4.44 15.48
CA PHE B 176 29.68 -4.25 16.58
C PHE B 176 28.26 -4.55 16.11
N ARG B 177 27.54 -5.38 16.85
CA ARG B 177 26.16 -5.68 16.55
C ARG B 177 25.35 -5.77 17.84
N VAL B 178 24.14 -5.26 17.77
CA VAL B 178 23.10 -5.60 18.75
C VAL B 178 22.32 -6.76 18.15
N TRP B 179 22.34 -7.92 18.80
CA TRP B 179 21.65 -9.07 18.22
C TRP B 179 20.13 -8.97 18.33
N ASN B 180 19.61 -8.17 19.26
CA ASN B 180 18.18 -7.94 19.37
C ASN B 180 17.69 -7.12 18.19
N SER B 181 16.44 -7.37 17.77
CA SER B 181 15.87 -6.57 16.70
C SER B 181 15.38 -5.23 17.24
N GLN B 182 14.88 -5.21 18.48
CA GLN B 182 14.64 -3.98 19.23
C GLN B 182 15.24 -4.15 20.62
N LEU B 183 15.66 -3.02 21.23
CA LEU B 183 16.24 -3.08 22.57
C LEU B 183 15.27 -3.66 23.59
N ILE B 184 13.99 -3.33 23.48
CA ILE B 184 12.95 -3.86 24.38
C ILE B 184 11.96 -4.67 23.55
N ARG B 185 11.82 -5.95 23.87
CA ARG B 185 10.89 -6.84 23.20
C ARG B 185 10.54 -8.00 24.13
N TYR B 186 9.34 -8.55 23.98
CA TYR B 186 8.93 -9.67 24.83
C TYR B 186 9.39 -11.00 24.24
N ALA B 187 9.71 -11.94 25.12
CA ALA B 187 10.14 -13.26 24.70
C ALA B 187 8.98 -14.05 24.11
N GLY B 188 9.31 -14.96 23.19
CA GLY B 188 8.34 -15.91 22.67
C GLY B 188 8.83 -17.33 22.85
N TYR B 189 7.91 -18.22 23.26
CA TYR B 189 8.27 -19.58 23.65
C TYR B 189 7.40 -20.57 22.91
N LYS B 190 7.99 -21.35 22.02
CA LYS B 190 7.27 -22.43 21.34
C LYS B 190 7.04 -23.57 22.33
N GLN B 191 5.77 -23.93 22.53
CA GLN B 191 5.44 -25.00 23.44
C GLN B 191 5.41 -26.34 22.71
N PRO B 192 5.63 -27.44 23.42
CA PRO B 192 5.57 -28.77 22.76
C PRO B 192 4.26 -29.03 22.03
N ASP B 193 3.16 -28.39 22.43
CA ASP B 193 1.85 -28.62 21.84
C ASP B 193 1.59 -27.74 20.62
N GLY B 194 2.61 -27.02 20.15
CA GLY B 194 2.51 -26.19 18.98
C GLY B 194 2.10 -24.76 19.23
N SER B 195 1.49 -24.47 20.37
CA SER B 195 1.15 -23.10 20.71
C SER B 195 2.40 -22.32 21.10
N THR B 196 2.23 -21.01 21.19
CA THR B 196 3.32 -20.09 21.50
C THR B 196 2.93 -19.26 22.72
N LEU B 197 3.86 -19.12 23.66
CA LEU B 197 3.67 -18.28 24.83
C LEU B 197 4.50 -17.02 24.62
N GLY B 198 3.85 -15.86 24.78
CA GLY B 198 4.53 -14.61 24.54
C GLY B 198 4.47 -14.17 23.09
N ASP B 199 5.50 -13.47 22.63
CA ASP B 199 5.48 -12.84 21.32
C ASP B 199 6.00 -13.82 20.27
N PRO B 200 5.16 -14.32 19.35
CA PRO B 200 5.66 -15.27 18.35
C PRO B 200 6.75 -14.68 17.46
N ALA B 201 6.82 -13.36 17.33
CA ALA B 201 7.89 -12.72 16.55
C ALA B 201 9.28 -13.01 17.08
N ASN B 202 9.42 -13.38 18.36
CA ASN B 202 10.72 -13.40 19.00
C ASN B 202 11.14 -14.80 19.42
N VAL B 203 10.47 -15.83 18.90
CA VAL B 203 10.77 -17.19 19.33
C VAL B 203 12.22 -17.55 19.00
N GLN B 204 12.68 -17.20 17.81
CA GLN B 204 14.02 -17.63 17.42
C GLN B 204 15.07 -16.89 18.24
N PHE B 205 14.89 -15.58 18.43
CA PHE B 205 15.83 -14.84 19.26
C PHE B 205 15.80 -15.32 20.71
N THR B 206 14.59 -15.57 21.24
CA THR B 206 14.46 -16.13 22.58
C THR B 206 15.25 -17.41 22.74
N GLU B 207 15.20 -18.30 21.74
CA GLU B 207 15.92 -19.58 21.86
C GLU B 207 17.43 -19.36 21.90
N ILE B 208 17.94 -18.43 21.10
CA ILE B 208 19.37 -18.10 21.16
C ILE B 208 19.73 -17.59 22.55
N CYS B 209 18.91 -16.68 23.08
CA CYS B 209 19.14 -16.19 24.44
C CYS B 209 19.17 -17.34 25.45
N ILE B 210 18.19 -18.23 25.37
CA ILE B 210 18.12 -19.35 26.31
C ILE B 210 19.35 -20.23 26.18
N GLN B 211 19.80 -20.46 24.94
CA GLN B 211 21.00 -21.24 24.72
C GLN B 211 22.24 -20.53 25.26
N GLN B 212 22.34 -19.22 25.04
CA GLN B 212 23.46 -18.46 25.58
C GLN B 212 23.42 -18.34 27.10
N GLY B 213 22.48 -18.98 27.80
CA GLY B 213 22.48 -19.00 29.26
C GLY B 213 21.38 -18.22 29.93
N TRP B 214 20.54 -17.50 29.18
CA TRP B 214 19.45 -16.76 29.78
C TRP B 214 18.48 -17.70 30.48
N LYS B 215 18.24 -17.46 31.76
CA LYS B 215 17.17 -18.12 32.49
C LYS B 215 15.86 -17.47 32.09
N ALA B 216 14.99 -18.23 31.43
CA ALA B 216 13.72 -17.66 30.98
C ALA B 216 12.68 -17.77 32.09
N PRO B 217 12.03 -16.66 32.46
CA PRO B 217 10.86 -16.77 33.35
C PRO B 217 9.68 -17.49 32.71
N ARG B 218 9.66 -17.62 31.39
CA ARG B 218 8.60 -18.32 30.66
C ARG B 218 7.22 -17.76 31.01
N GLY B 219 7.10 -16.43 30.89
CA GLY B 219 5.83 -15.75 30.97
C GLY B 219 5.46 -15.13 29.63
N ARG B 220 4.26 -14.55 29.60
CA ARG B 220 3.74 -14.00 28.36
C ARG B 220 4.32 -12.64 28.00
N PHE B 221 4.88 -11.93 28.99
CA PHE B 221 5.46 -10.60 28.76
C PHE B 221 6.80 -10.45 29.50
N ASP B 222 7.78 -11.30 29.16
CA ASP B 222 9.12 -11.24 29.72
C ASP B 222 10.01 -10.40 28.81
N VAL B 223 10.58 -9.34 29.36
CA VAL B 223 11.49 -8.51 28.56
C VAL B 223 12.72 -9.33 28.22
N LEU B 224 13.09 -9.37 26.94
CA LEU B 224 14.27 -10.14 26.56
C LEU B 224 15.54 -9.49 27.06
N PRO B 225 16.59 -10.28 27.29
CA PRO B 225 17.91 -9.71 27.60
C PRO B 225 18.53 -9.07 26.38
N LEU B 226 19.55 -8.26 26.62
CA LEU B 226 20.33 -7.70 25.52
C LEU B 226 21.45 -8.67 25.19
N LEU B 227 21.64 -8.92 23.89
CA LEU B 227 22.69 -9.82 23.42
C LEU B 227 23.63 -8.96 22.56
N LEU B 228 24.79 -8.61 23.11
CA LEU B 228 25.60 -7.53 22.54
C LEU B 228 26.94 -8.04 22.06
N GLN B 229 27.34 -7.63 20.86
CA GLN B 229 28.55 -8.08 20.18
C GLN B 229 29.47 -6.88 19.96
N ALA B 230 30.65 -6.91 20.60
CA ALA B 230 31.66 -5.88 20.43
C ALA B 230 32.84 -6.42 19.63
N ASN B 231 33.24 -5.68 18.60
CA ASN B 231 34.50 -5.90 17.88
C ASN B 231 34.59 -7.32 17.32
N GLY B 232 33.45 -7.87 16.91
CA GLY B 232 33.45 -9.20 16.32
C GLY B 232 33.58 -10.34 17.30
N ASN B 233 33.58 -10.06 18.60
CA ASN B 233 33.62 -11.12 19.60
C ASN B 233 32.24 -11.75 19.76
N ASP B 234 32.21 -12.91 20.39
CA ASP B 234 30.94 -13.56 20.65
C ASP B 234 30.05 -12.65 21.48
N PRO B 235 28.74 -12.64 21.23
CA PRO B 235 27.85 -11.75 21.98
C PRO B 235 27.70 -12.18 23.43
N GLU B 236 27.33 -11.23 24.28
CA GLU B 236 27.12 -11.49 25.70
C GLU B 236 25.74 -11.01 26.15
N LEU B 237 25.22 -11.67 27.18
CA LEU B 237 23.91 -11.37 27.75
C LEU B 237 23.99 -10.32 28.85
N PHE B 238 23.03 -9.39 28.81
CA PHE B 238 22.80 -8.42 29.87
C PHE B 238 21.30 -8.21 30.06
N GLN B 239 20.86 -8.13 31.30
CA GLN B 239 19.47 -7.82 31.60
C GLN B 239 19.34 -6.31 31.79
N ILE B 240 18.47 -5.69 30.99
CA ILE B 240 18.14 -4.27 31.19
C ILE B 240 17.53 -4.09 32.58
N PRO B 241 17.99 -3.15 33.40
CA PRO B 241 17.37 -2.93 34.70
C PRO B 241 15.88 -2.66 34.54
N PRO B 242 15.02 -3.42 35.23
CA PRO B 242 13.57 -3.24 35.03
C PRO B 242 13.10 -1.83 35.31
N GLU B 243 13.76 -1.09 36.20
CA GLU B 243 13.32 0.29 36.44
C GLU B 243 13.55 1.18 35.22
N LEU B 244 14.29 0.71 34.22
CA LEU B 244 14.45 1.45 32.98
C LEU B 244 13.40 1.07 31.93
N VAL B 245 12.69 -0.03 32.09
CA VAL B 245 11.76 -0.50 31.07
C VAL B 245 10.38 0.01 31.44
N LEU B 246 9.99 1.12 30.81
CA LEU B 246 8.66 1.66 31.03
C LEU B 246 7.63 0.78 30.34
N GLU B 247 6.68 0.23 31.12
CA GLU B 247 5.59 -0.54 30.55
C GLU B 247 4.24 0.08 30.89
N VAL B 248 3.26 -0.17 30.02
CA VAL B 248 1.91 0.38 30.15
C VAL B 248 0.91 -0.77 30.19
N PRO B 249 0.19 -0.97 31.29
CA PRO B 249 -0.94 -1.92 31.27
C PRO B 249 -2.04 -1.43 30.35
N ILE B 250 -2.59 -2.34 29.57
CA ILE B 250 -3.57 -1.98 28.55
C ILE B 250 -4.97 -2.21 29.11
N ARG B 251 -5.71 -1.12 29.23
CA ARG B 251 -7.12 -1.16 29.57
C ARG B 251 -7.91 -0.35 28.55
N HIS B 252 -9.23 -0.48 28.61
CA HIS B 252 -10.10 0.17 27.66
C HIS B 252 -10.98 1.16 28.41
N PRO B 253 -11.32 2.31 27.80
CA PRO B 253 -12.06 3.34 28.55
C PRO B 253 -13.48 2.94 28.92
N LYS B 254 -14.08 1.98 28.23
CA LYS B 254 -15.45 1.58 28.53
C LYS B 254 -15.59 0.11 28.87
N PHE B 255 -14.68 -0.74 28.41
CA PHE B 255 -14.76 -2.19 28.64
C PHE B 255 -13.91 -2.53 29.86
N ASP B 256 -14.58 -2.83 30.96
CA ASP B 256 -13.85 -3.14 32.18
C ASP B 256 -13.21 -4.51 32.12
N TRP B 257 -13.75 -5.43 31.30
CA TRP B 257 -13.15 -6.74 31.15
C TRP B 257 -11.83 -6.71 30.39
N PHE B 258 -11.49 -5.57 29.76
CA PHE B 258 -10.33 -5.52 28.89
C PHE B 258 -9.04 -5.65 29.68
N LYS B 259 -8.98 -4.99 30.86
CA LYS B 259 -7.83 -5.13 31.73
C LYS B 259 -7.59 -6.59 32.10
N ASP B 260 -8.66 -7.38 32.19
CA ASP B 260 -8.54 -8.78 32.59
C ASP B 260 -7.88 -9.65 31.52
N LEU B 261 -7.70 -9.12 30.31
CA LEU B 261 -6.90 -9.81 29.31
C LEU B 261 -5.43 -9.87 29.70
N GLY B 262 -5.02 -9.05 30.67
CA GLY B 262 -3.66 -9.11 31.18
C GLY B 262 -2.61 -8.61 30.22
N LEU B 263 -2.95 -7.66 29.35
CA LEU B 263 -2.01 -7.16 28.36
C LEU B 263 -1.26 -5.94 28.86
N LYS B 264 0.01 -5.87 28.48
CA LYS B 264 0.80 -4.66 28.62
C LYS B 264 1.68 -4.52 27.40
N TRP B 265 2.19 -3.31 27.19
CA TRP B 265 3.26 -3.14 26.22
C TRP B 265 4.30 -2.19 26.78
N TYR B 266 5.46 -2.21 26.17
CA TYR B 266 6.50 -1.30 26.60
C TYR B 266 6.37 0.04 25.90
N GLY B 267 6.89 1.09 26.54
CA GLY B 267 6.69 2.43 26.05
C GLY B 267 7.58 2.82 24.88
N LEU B 268 8.77 2.23 24.79
CA LEU B 268 9.84 2.79 23.97
C LEU B 268 10.17 1.88 22.80
N PRO B 269 9.82 2.26 21.57
CA PRO B 269 10.19 1.46 20.39
C PRO B 269 11.60 1.85 19.97
N ALA B 270 12.49 0.88 19.89
CA ALA B 270 13.89 1.22 19.71
C ALA B 270 14.53 0.18 18.82
N VAL B 271 14.63 0.49 17.53
CA VAL B 271 15.07 -0.49 16.55
C VAL B 271 16.60 -0.57 16.60
N SER B 272 17.12 -1.79 16.66
CA SER B 272 18.54 -1.96 16.92
C SER B 272 19.26 -2.90 15.95
N ASN B 273 18.60 -3.36 14.88
CA ASN B 273 19.21 -4.31 13.95
C ASN B 273 19.50 -3.70 12.58
N MET B 274 19.43 -2.39 12.44
CA MET B 274 19.64 -1.79 11.14
C MET B 274 21.08 -1.27 11.03
N LEU B 275 21.45 -0.94 9.80
CA LEU B 275 22.78 -0.47 9.50
C LEU B 275 22.68 0.96 8.98
N LEU B 276 23.48 1.83 9.57
CA LEU B 276 23.55 3.24 9.22
C LEU B 276 24.73 3.42 8.28
N GLU B 277 24.48 4.01 7.11
CA GLU B 277 25.52 4.27 6.12
C GLU B 277 25.73 5.77 5.99
N ILE B 278 26.95 6.24 6.22
CA ILE B 278 27.27 7.65 6.15
C ILE B 278 28.58 7.80 5.39
N GLY B 279 28.51 8.40 4.20
CA GLY B 279 29.71 8.66 3.43
C GLY B 279 30.56 7.44 3.18
N GLY B 280 29.93 6.28 3.00
CA GLY B 280 30.65 5.05 2.74
C GLY B 280 31.00 4.24 3.96
N LEU B 281 30.91 4.84 5.14
CA LEU B 281 31.17 4.11 6.37
C LEU B 281 29.90 3.37 6.80
N GLU B 282 30.09 2.21 7.39
CA GLU B 282 28.99 1.34 7.77
C GLU B 282 28.97 1.19 9.29
N PHE B 283 27.90 1.67 9.91
CA PHE B 283 27.71 1.57 11.35
C PHE B 283 26.69 0.47 11.60
N SER B 284 27.19 -0.74 11.85
CA SER B 284 26.39 -1.95 11.99
C SER B 284 25.65 -2.03 13.31
N ALA B 285 25.91 -1.12 14.24
CA ALA B 285 25.21 -1.07 15.51
C ALA B 285 24.91 0.39 15.75
N CYS B 286 23.64 0.73 15.67
CA CYS B 286 23.17 2.11 15.74
C CYS B 286 21.75 2.13 16.27
N PRO B 287 21.50 1.58 17.46
CA PRO B 287 20.12 1.49 17.94
C PRO B 287 19.48 2.87 18.03
N PHE B 288 18.28 3.02 17.47
CA PHE B 288 17.60 4.30 17.54
C PHE B 288 16.19 4.15 18.08
N SER B 289 15.58 5.25 18.48
CA SER B 289 14.30 5.13 19.13
C SER B 289 13.53 6.42 18.95
N GLY B 290 12.20 6.30 18.89
CA GLY B 290 11.35 7.46 18.95
C GLY B 290 10.19 7.16 19.85
N TRP B 291 8.97 7.17 19.30
CA TRP B 291 7.82 6.79 20.09
C TRP B 291 6.81 6.11 19.17
N TYR B 292 5.90 5.38 19.79
CA TYR B 292 4.99 4.50 19.06
C TYR B 292 3.87 5.28 18.40
N MET B 293 3.56 4.90 17.16
CA MET B 293 2.22 5.10 16.63
C MET B 293 1.36 3.92 17.10
N GLY B 294 0.18 4.23 17.63
CA GLY B 294 -0.59 3.21 18.32
C GLY B 294 -0.92 1.97 17.50
N THR B 295 -1.02 2.11 16.18
CA THR B 295 -1.34 0.95 15.36
C THR B 295 -0.21 -0.05 15.28
N GLU B 296 1.04 0.37 15.47
CA GLU B 296 2.13 -0.58 15.58
C GLU B 296 1.86 -1.60 16.66
N ILE B 297 1.34 -1.14 17.80
CA ILE B 297 0.99 -2.04 18.90
C ILE B 297 -0.39 -2.66 18.65
N GLY B 298 -1.41 -1.82 18.49
CA GLY B 298 -2.77 -2.31 18.50
C GLY B 298 -3.12 -3.14 17.26
N VAL B 299 -2.60 -2.74 16.10
CA VAL B 299 -2.89 -3.46 14.88
C VAL B 299 -1.92 -4.61 14.65
N ARG B 300 -0.62 -4.31 14.62
CA ARG B 300 0.36 -5.31 14.23
C ARG B 300 0.74 -6.22 15.39
N ASP B 301 1.19 -5.63 16.52
CA ASP B 301 1.73 -6.41 17.64
C ASP B 301 0.70 -7.31 18.29
N TYR B 302 -0.57 -6.93 18.30
CA TYR B 302 -1.62 -7.67 18.99
C TYR B 302 -2.55 -8.44 18.07
N CYS B 303 -2.74 -7.97 16.83
CA CYS B 303 -3.79 -8.50 15.96
C CYS B 303 -3.28 -9.24 14.74
N ASP B 304 -2.02 -9.03 14.34
CA ASP B 304 -1.40 -9.90 13.36
C ASP B 304 -1.61 -11.35 13.75
N ASN B 305 -1.93 -12.18 12.76
CA ASN B 305 -2.12 -13.62 13.00
C ASN B 305 -0.84 -14.26 13.52
N SER B 306 0.32 -13.82 13.03
CA SER B 306 1.60 -14.36 13.45
CA SER B 306 1.61 -14.34 13.44
C SER B 306 2.18 -13.64 14.68
N ARG B 307 1.35 -12.87 15.39
CA ARG B 307 1.76 -12.22 16.64
C ARG B 307 0.85 -12.64 17.79
N TYR B 308 0.47 -11.71 18.68
CA TYR B 308 -0.26 -12.12 19.87
C TYR B 308 -1.66 -12.61 19.53
N ASN B 309 -2.23 -12.11 18.44
CA ASN B 309 -3.49 -12.58 17.85
C ASN B 309 -4.60 -12.71 18.90
N ILE B 310 -4.84 -11.60 19.60
CA ILE B 310 -5.89 -11.53 20.61
C ILE B 310 -7.23 -11.14 20.00
N LEU B 311 -7.32 -11.05 18.67
CA LEU B 311 -8.54 -10.61 18.02
C LEU B 311 -9.72 -11.49 18.39
N GLU B 312 -9.52 -12.82 18.37
CA GLU B 312 -10.60 -13.74 18.68
C GLU B 312 -11.13 -13.52 20.09
N GLU B 313 -10.21 -13.38 21.06
CA GLU B 313 -10.62 -13.28 22.46
C GLU B 313 -11.29 -11.94 22.74
N VAL B 314 -10.79 -10.86 22.15
CA VAL B 314 -11.50 -9.59 22.26
C VAL B 314 -12.87 -9.69 21.59
N ALA B 315 -12.95 -10.39 20.46
CA ALA B 315 -14.22 -10.54 19.77
C ALA B 315 -15.23 -11.28 20.63
N LYS B 316 -14.82 -12.39 21.25
CA LYS B 316 -15.74 -13.14 22.11
C LYS B 316 -16.22 -12.28 23.27
N LYS B 317 -15.29 -11.60 23.94
CA LYS B 317 -15.65 -10.78 25.10
C LYS B 317 -16.58 -9.64 24.72
N MET B 318 -16.47 -9.13 23.49
CA MET B 318 -17.43 -8.14 23.03
C MET B 318 -18.76 -8.76 22.63
N ASP B 319 -18.81 -10.08 22.47
CA ASP B 319 -20.00 -10.80 22.01
C ASP B 319 -20.39 -10.31 20.61
N LEU B 320 -19.49 -10.52 19.67
CA LEU B 320 -19.71 -10.18 18.27
C LEU B 320 -20.17 -11.41 17.51
N ASP B 321 -20.84 -11.16 16.39
CA ASP B 321 -21.25 -12.23 15.47
C ASP B 321 -19.98 -12.73 14.77
N MET B 322 -19.41 -13.82 15.28
CA MET B 322 -18.16 -14.36 14.76
C MET B 322 -18.38 -15.49 13.78
N ARG B 323 -19.60 -15.72 13.32
CA ARG B 323 -19.87 -16.86 12.45
C ARG B 323 -19.46 -16.58 11.01
N LYS B 324 -19.75 -15.39 10.50
CA LYS B 324 -19.32 -14.99 9.16
C LYS B 324 -18.45 -13.74 9.26
N THR B 325 -17.43 -13.67 8.41
CA THR B 325 -16.54 -12.52 8.43
C THR B 325 -17.24 -11.23 8.02
N SER B 326 -18.35 -11.34 7.26
CA SER B 326 -19.07 -10.16 6.79
C SER B 326 -19.80 -9.43 7.91
N SER B 327 -19.80 -9.96 9.14
CA SER B 327 -20.19 -9.16 10.29
C SER B 327 -19.09 -8.18 10.72
N LEU B 328 -17.90 -8.26 10.11
CA LEU B 328 -16.76 -7.39 10.41
C LEU B 328 -16.41 -7.39 11.90
N TRP B 329 -16.61 -8.53 12.55
CA TRP B 329 -16.19 -8.67 13.95
C TRP B 329 -14.69 -8.43 14.10
N LYS B 330 -13.89 -8.87 13.12
CA LYS B 330 -12.45 -8.60 13.18
C LYS B 330 -12.17 -7.11 13.13
N ASP B 331 -12.80 -6.41 12.19
CA ASP B 331 -12.66 -4.97 12.10
C ASP B 331 -13.13 -4.29 13.38
N GLN B 332 -14.24 -4.76 13.94
CA GLN B 332 -14.76 -4.15 15.16
C GLN B 332 -13.81 -4.35 16.34
N ALA B 333 -13.32 -5.58 16.52
CA ALA B 333 -12.40 -5.87 17.60
C ALA B 333 -11.09 -5.11 17.46
N LEU B 334 -10.64 -4.88 16.22
CA LEU B 334 -9.37 -4.21 16.00
C LEU B 334 -9.45 -2.75 16.42
N VAL B 335 -10.57 -2.10 16.12
CA VAL B 335 -10.76 -0.72 16.52
C VAL B 335 -10.74 -0.58 18.04
N GLU B 336 -11.43 -1.47 18.76
CA GLU B 336 -11.45 -1.34 20.22
C GLU B 336 -10.08 -1.56 20.84
N ILE B 337 -9.35 -2.58 20.37
CA ILE B 337 -7.98 -2.82 20.82
C ILE B 337 -7.14 -1.57 20.61
N ASN B 338 -7.28 -0.93 19.45
CA ASN B 338 -6.49 0.27 19.17
C ASN B 338 -6.96 1.46 19.98
N ILE B 339 -8.23 1.51 20.34
CA ILE B 339 -8.70 2.55 21.25
C ILE B 339 -8.07 2.36 22.63
N ALA B 340 -8.00 1.10 23.09
CA ALA B 340 -7.44 0.79 24.39
C ALA B 340 -5.96 1.15 24.46
N VAL B 341 -5.20 0.86 23.40
CA VAL B 341 -3.77 1.16 23.38
C VAL B 341 -3.54 2.66 23.57
N LEU B 342 -4.26 3.49 22.82
CA LEU B 342 -4.07 4.93 22.93
C LEU B 342 -4.57 5.44 24.27
N TYR B 343 -5.69 4.88 24.76
CA TYR B 343 -6.19 5.32 26.05
C TYR B 343 -5.20 5.02 27.16
N SER B 344 -4.57 3.85 27.11
CA SER B 344 -3.69 3.43 28.19
C SER B 344 -2.42 4.27 28.22
N PHE B 345 -1.84 4.54 27.05
CA PHE B 345 -0.63 5.36 26.95
C PHE B 345 -0.92 6.80 27.38
N GLN B 346 -1.98 7.40 26.84
CA GLN B 346 -2.30 8.77 27.25
C GLN B 346 -2.66 8.85 28.72
N SER B 347 -3.36 7.84 29.26
CA SER B 347 -3.70 7.85 30.68
C SER B 347 -2.45 7.77 31.54
N ASP B 348 -1.42 7.07 31.07
CA ASP B 348 -0.16 6.98 31.81
C ASP B 348 0.84 8.03 31.39
N LYS B 349 0.44 8.97 30.53
CA LYS B 349 1.31 10.06 30.10
C LYS B 349 2.59 9.54 29.47
N VAL B 350 2.47 8.50 28.65
CA VAL B 350 3.56 8.02 27.81
C VAL B 350 3.28 8.49 26.40
N THR B 351 4.29 9.05 25.76
CA THR B 351 4.12 9.60 24.42
C THR B 351 3.60 8.55 23.45
N ILE B 352 2.52 8.88 22.73
CA ILE B 352 2.03 8.03 21.64
C ILE B 352 1.31 8.93 20.66
N VAL B 353 1.19 8.47 19.42
CA VAL B 353 0.51 9.24 18.38
C VAL B 353 -0.45 8.30 17.65
N ASP B 354 -1.70 8.75 17.48
CA ASP B 354 -2.64 7.96 16.72
C ASP B 354 -2.30 8.07 15.23
N HIS B 355 -2.87 7.18 14.42
CA HIS B 355 -2.50 7.18 13.01
C HIS B 355 -3.09 8.38 12.27
N HIS B 356 -4.16 8.99 12.77
CA HIS B 356 -4.70 10.18 12.14
C HIS B 356 -3.77 11.38 12.31
N SER B 357 -3.21 11.56 13.51
CA SER B 357 -2.30 12.68 13.75
CA SER B 357 -2.30 12.67 13.76
C SER B 357 -0.99 12.49 12.99
N ALA B 358 -0.42 11.28 13.03
CA ALA B 358 0.87 11.04 12.41
C ALA B 358 0.83 11.20 10.89
N THR B 359 -0.25 10.71 10.24
CA THR B 359 -0.28 10.82 8.79
C THR B 359 -0.52 12.26 8.37
N GLU B 360 -1.35 12.99 9.11
CA GLU B 360 -1.53 14.42 8.88
C GLU B 360 -0.22 15.17 9.01
N SER B 361 0.56 14.86 10.05
CA SER B 361 1.87 15.50 10.19
C SER B 361 2.78 15.12 9.04
N PHE B 362 2.72 13.88 8.59
CA PHE B 362 3.60 13.48 7.50
C PHE B 362 3.30 14.28 6.22
N ILE B 363 2.02 14.49 5.91
CA ILE B 363 1.67 15.25 4.72
C ILE B 363 2.24 16.67 4.80
N LYS B 364 2.10 17.31 5.96
CA LYS B 364 2.70 18.63 6.16
C LYS B 364 4.22 18.59 5.98
N HIS B 365 4.88 17.65 6.65
CA HIS B 365 6.32 17.47 6.46
C HIS B 365 6.67 17.32 5.00
N MET B 366 5.89 16.50 4.28
CA MET B 366 6.25 16.16 2.92
C MET B 366 6.12 17.36 2.00
N GLU B 367 5.02 18.13 2.15
CA GLU B 367 4.90 19.38 1.41
C GLU B 367 6.05 20.32 1.74
N ASN B 368 6.40 20.40 3.02
CA ASN B 368 7.53 21.24 3.40
C ASN B 368 8.82 20.73 2.78
N GLU B 369 9.01 19.42 2.75
CA GLU B 369 10.22 18.86 2.13
C GLU B 369 10.26 19.11 0.63
N TYR B 370 9.13 19.09 -0.05
CA TYR B 370 9.13 19.42 -1.46
C TYR B 370 9.50 20.88 -1.68
N ARG B 371 9.12 21.77 -0.76
CA ARG B 371 9.35 23.19 -0.99
C ARG B 371 10.78 23.59 -0.66
N CYS B 372 11.32 23.09 0.44
CA CYS B 372 12.65 23.50 0.89
CA CYS B 372 12.65 23.52 0.86
C CYS B 372 13.75 22.56 0.43
N ARG B 373 13.41 21.34 0.02
CA ARG B 373 14.41 20.36 -0.38
C ARG B 373 14.24 19.83 -1.79
N GLY B 374 13.09 20.04 -2.43
CA GLY B 374 12.87 19.55 -3.76
C GLY B 374 12.38 18.12 -3.83
N GLY B 375 11.99 17.55 -2.70
CA GLY B 375 11.54 16.18 -2.72
C GLY B 375 11.45 15.61 -1.33
N CYS B 376 10.77 14.49 -1.28
CA CYS B 376 10.67 13.71 -0.05
C CYS B 376 10.41 12.29 -0.51
N PRO B 377 11.43 11.43 -0.52
CA PRO B 377 11.20 10.03 -0.90
C PRO B 377 10.28 9.37 0.12
N ALA B 378 9.34 8.60 -0.40
CA ALA B 378 8.26 8.08 0.44
C ALA B 378 7.74 6.77 -0.13
N ASP B 379 7.59 5.79 0.75
CA ASP B 379 7.17 4.44 0.38
C ASP B 379 5.72 4.28 0.80
N TRP B 380 4.81 4.45 -0.17
CA TRP B 380 3.37 4.44 0.12
C TRP B 380 2.97 3.17 0.86
N VAL B 381 3.55 2.04 0.45
CA VAL B 381 3.18 0.75 1.02
C VAL B 381 3.41 0.74 2.52
N TRP B 382 4.40 1.50 2.99
CA TRP B 382 4.72 1.55 4.41
C TRP B 382 4.16 2.77 5.11
N ILE B 383 3.95 3.88 4.39
CA ILE B 383 3.44 5.10 5.03
C ILE B 383 1.97 4.95 5.40
N VAL B 384 1.18 4.31 4.53
CA VAL B 384 -0.26 4.19 4.79
C VAL B 384 -0.47 3.24 5.98
N PRO B 385 -1.28 3.62 6.97
CA PRO B 385 -1.37 2.85 8.21
C PRO B 385 -2.09 1.53 7.99
N PRO B 386 -1.80 0.52 8.82
CA PRO B 386 -2.37 -0.81 8.62
C PRO B 386 -3.85 -0.93 8.95
N MET B 387 -4.50 0.14 9.40
CA MET B 387 -5.96 0.17 9.53
C MET B 387 -6.46 1.52 9.05
N SER B 388 -7.70 1.53 8.54
CA SER B 388 -8.39 2.77 8.17
C SER B 388 -7.59 3.58 7.18
N GLY B 389 -6.90 2.88 6.26
CA GLY B 389 -6.00 3.56 5.35
C GLY B 389 -6.60 4.77 4.66
N SER B 390 -7.75 4.59 4.00
CA SER B 390 -8.22 5.68 3.15
C SER B 390 -8.87 6.83 3.90
N ILE B 391 -9.12 6.72 5.21
CA ILE B 391 -9.61 7.91 5.90
C ILE B 391 -8.43 8.66 6.51
N THR B 392 -7.16 8.26 6.12
CA THR B 392 -6.01 9.10 6.42
C THR B 392 -5.55 9.81 5.15
N PRO B 393 -4.94 10.99 5.27
CA PRO B 393 -4.61 11.78 4.06
C PRO B 393 -3.45 11.23 3.23
N VAL B 394 -2.63 10.31 3.76
CA VAL B 394 -1.57 9.76 2.94
C VAL B 394 -2.11 8.76 1.91
N PHE B 395 -3.22 8.08 2.22
CA PHE B 395 -3.79 7.13 1.27
C PHE B 395 -3.95 7.75 -0.11
N HIS B 396 -4.40 9.01 -0.18
CA HIS B 396 -4.69 9.66 -1.45
C HIS B 396 -3.51 10.42 -2.01
N GLN B 397 -2.33 10.26 -1.42
CA GLN B 397 -1.15 11.01 -1.79
C GLN B 397 -0.30 10.16 -2.72
N GLU B 398 -0.03 10.67 -3.91
CA GLU B 398 1.01 10.05 -4.73
C GLU B 398 2.37 10.30 -4.09
N MET B 399 3.27 9.32 -4.21
CA MET B 399 4.55 9.34 -3.53
C MET B 399 5.63 8.74 -4.42
N LEU B 400 6.79 9.39 -4.46
CA LEU B 400 7.94 8.90 -5.21
C LEU B 400 8.91 8.24 -4.25
N ASN B 401 9.33 7.03 -4.56
CA ASN B 401 10.24 6.31 -3.70
C ASN B 401 11.57 6.17 -4.43
N TYR B 402 12.65 6.58 -3.74
CA TYR B 402 14.00 6.50 -4.26
C TYR B 402 14.93 6.58 -3.07
N ARG B 403 16.15 6.13 -3.27
CA ARG B 403 17.07 5.91 -2.17
C ARG B 403 18.12 7.01 -2.16
N LEU B 404 18.13 7.78 -1.08
CA LEU B 404 19.16 8.78 -0.82
C LEU B 404 20.08 8.30 0.29
N THR B 405 21.33 8.75 0.25
CA THR B 405 22.26 8.53 1.36
C THR B 405 22.57 9.86 2.03
N PRO B 406 22.90 9.87 3.33
CA PRO B 406 22.97 8.77 4.32
C PRO B 406 21.67 7.99 4.46
N SER B 407 21.75 6.72 4.85
CA SER B 407 20.56 5.89 4.89
C SER B 407 20.68 4.83 5.97
N PHE B 408 19.51 4.35 6.41
CA PHE B 408 19.40 3.12 7.18
C PHE B 408 19.12 1.97 6.24
N GLU B 409 19.83 0.86 6.42
CA GLU B 409 19.72 -0.32 5.58
C GLU B 409 19.42 -1.52 6.47
N TYR B 410 18.83 -2.53 5.85
CA TYR B 410 18.72 -3.83 6.49
C TYR B 410 20.07 -4.53 6.47
N GLN B 411 20.25 -5.46 7.39
CA GLN B 411 21.42 -6.31 7.35
C GLN B 411 21.01 -7.69 7.82
N PRO B 412 21.76 -8.73 7.46
CA PRO B 412 21.37 -10.08 7.85
C PRO B 412 21.48 -10.27 9.35
N ASP B 413 20.62 -11.14 9.88
CA ASP B 413 20.67 -11.45 11.29
C ASP B 413 22.06 -11.96 11.65
N PRO B 414 22.66 -11.49 12.74
CA PRO B 414 24.08 -11.79 12.98
C PRO B 414 24.34 -13.26 13.23
N TRP B 415 23.37 -14.01 13.76
CA TRP B 415 23.61 -15.43 13.99
C TRP B 415 23.69 -16.24 12.71
N ASN B 416 23.44 -15.64 11.53
CA ASN B 416 23.61 -16.34 10.27
C ASN B 416 24.91 -16.02 9.58
N THR B 417 25.62 -14.98 10.04
CA THR B 417 26.91 -14.62 9.47
C THR B 417 28.07 -14.76 10.44
N HIS B 418 27.80 -14.91 11.73
CA HIS B 418 28.85 -14.76 12.74
C HIS B 418 29.75 -15.97 12.82
N VAL B 419 31.06 -15.71 12.88
CA VAL B 419 32.06 -16.76 13.11
C VAL B 419 32.26 -16.90 14.61
N TRP B 420 31.92 -18.06 15.15
CA TRP B 420 31.94 -18.27 16.60
C TRP B 420 33.35 -18.55 17.11
N LYS B 421 33.73 -17.86 18.18
CA LYS B 421 35.03 -18.02 18.82
C LYS B 421 35.06 -19.17 19.80
N GLY B 422 33.96 -19.43 20.51
CA GLY B 422 33.90 -20.52 21.46
C GLY B 422 34.00 -20.11 22.92
CHA HEM C . -10.23 -2.77 -9.97
CHB HEM C . -12.97 -5.72 -7.25
CHC HEM C . -14.75 -7.61 -11.35
CHD HEM C . -11.54 -5.19 -14.03
C1A HEM C . -10.92 -3.31 -8.90
C2A HEM C . -10.96 -2.80 -7.54
C3A HEM C . -11.72 -3.60 -6.79
C4A HEM C . -12.17 -4.67 -7.64
CMA HEM C . -12.05 -3.44 -5.29
CAA HEM C . -10.30 -1.52 -7.00
CBA HEM C . -11.43 -0.53 -7.20
CGA HEM C . -11.44 0.61 -6.23
O1A HEM C . -10.71 0.57 -5.21
O2A HEM C . -12.21 1.57 -6.47
C1B HEM C . -13.71 -6.47 -8.14
C2B HEM C . -14.71 -7.44 -7.77
C3B HEM C . -15.18 -7.99 -8.88
C4B HEM C . -14.52 -7.35 -10.02
CMB HEM C . -15.13 -7.80 -6.33
CAB HEM C . -16.31 -9.06 -8.87
CBB HEM C . -16.66 -9.73 -9.98
C1C HEM C . -14.09 -7.10 -12.44
C2C HEM C . -14.41 -7.38 -13.84
C3C HEM C . -13.51 -6.68 -14.58
C4C HEM C . -12.60 -5.99 -13.67
CMC HEM C . -15.61 -8.27 -14.30
CAC HEM C . -13.33 -6.62 -16.10
CBC HEM C . -13.89 -7.54 -16.90
C1D HEM C . -10.90 -4.32 -13.15
C2D HEM C . -9.90 -3.35 -13.52
C3D HEM C . -9.55 -2.70 -12.39
C4D HEM C . -10.33 -3.22 -11.28
CMD HEM C . -9.33 -3.12 -14.95
CAD HEM C . -8.49 -1.59 -12.25
CBD HEM C . -8.96 -0.30 -12.91
CGD HEM C . -7.83 0.68 -12.81
O1D HEM C . -6.70 0.39 -13.30
O2D HEM C . -8.09 1.75 -12.22
NA HEM C . -11.66 -4.46 -8.91
NB HEM C . -13.60 -6.45 -9.51
NC HEM C . -13.00 -6.25 -12.41
ND HEM C . -11.15 -4.22 -11.79
FE HEM C . -12.05 -5.65 -10.68
N1 H4B D . -6.57 1.46 -4.12
C2 H4B D . -7.78 1.16 -4.64
N2 H4B D . -8.21 -0.14 -4.56
N3 H4B D . -8.54 2.13 -5.21
C4 H4B D . -8.10 3.41 -5.29
O4 H4B D . -8.81 4.30 -5.82
C4A H4B D . -6.86 3.72 -4.77
C8A H4B D . -6.11 2.72 -4.17
N5 H4B D . -6.37 4.98 -4.81
N8 H4B D . -4.88 2.97 -3.64
C6 H4B D . -4.91 5.08 -4.81
C7 H4B D . -4.31 4.31 -3.64
C9 H4B D . -4.39 6.50 -4.76
O9 H4B D . -4.99 7.17 -3.65
C10 H4B D . -2.87 6.48 -4.62
C11 H4B D . -2.31 7.81 -4.13
O10 H4B D . -2.27 6.13 -5.87
C13 88H E . -10.59 4.72 -8.36
C12 88H E . -11.21 3.47 -8.40
C11 88H E . -11.44 2.82 -9.63
C10 88H E . -14.29 -1.93 -9.97
C14 88H E . -10.22 5.32 -9.56
C02 88H E . -15.70 -3.50 -8.90
C03 88H E . -15.69 -4.30 -10.05
C04 88H E . -14.94 -3.91 -11.14
C05 88H E . -14.25 -2.72 -11.11
C06 88H E . -13.50 -2.30 -12.21
C07 88H E . -12.80 -1.11 -12.19
C08 88H E . -12.85 -0.30 -11.06
C09 88H E . -13.60 -0.73 -9.95
C15 88H E . -10.46 4.66 -10.77
C16 88H E . -11.06 3.42 -10.80
C22 88H E . -9.49 8.18 -12.68
C23 88H E . -9.83 9.52 -12.58
C24 88H E . -9.00 10.38 -11.88
C25 88H E . -7.85 9.86 -11.30
C26 88H E . -7.55 8.52 -11.43
C32 88H E . -12.11 1.47 -9.68
C33 88H E . -10.08 5.26 -12.09
C35 88H E . -10.40 7.23 -13.43
N01 88H E . -15.01 -2.33 -8.90
N02 88H E . -16.43 -3.89 -7.82
N21 88H E . -8.36 7.72 -12.10
N34 88H E . -11.04 6.32 -12.46
O31 88H E . -12.17 0.89 -10.98
C ACT F . -15.01 -12.12 -5.33
O ACT F . -16.15 -12.39 -4.91
OXT ACT F . -13.98 -12.43 -4.68
CH3 ACT F . -14.86 -11.37 -6.62
ZN ZN G . 8.19 0.42 -8.60
CHA HEM H . 9.75 3.02 9.94
CHB HEM H . 6.95 5.79 12.84
CHC HEM H . 11.02 7.77 14.68
CHD HEM H . 13.65 5.59 11.30
C1A HEM H . 8.70 3.50 10.69
C2A HEM H . 7.36 2.89 10.77
C3A HEM H . 6.59 3.64 11.57
C4A HEM H . 7.39 4.78 12.02
CMA HEM H . 5.13 3.38 11.94
CAA HEM H . 6.92 1.59 10.08
CBA HEM H . 7.26 0.38 10.94
CGA HEM H . 6.17 -0.65 10.84
O1A HEM H . 4.97 -0.29 10.68
O2A HEM H . 6.48 -1.86 10.95
C1B HEM H . 7.83 6.54 13.61
C2B HEM H . 7.45 7.42 14.70
C3B HEM H . 8.57 7.97 15.19
C4B HEM H . 9.70 7.45 14.43
CMB HEM H . 6.02 7.71 15.24
CAB HEM H . 8.56 8.96 16.39
CBB HEM H . 9.64 9.64 16.77
C1C HEM H . 12.10 7.31 13.99
C2C HEM H . 13.51 7.53 14.31
C3C HEM H . 14.23 6.90 13.36
C4C HEM H . 13.29 6.30 12.42
CMC HEM H . 14.03 8.31 15.54
CAC HEM H . 15.75 6.81 13.13
CBC HEM H . 16.59 7.71 13.69
C1D HEM H . 12.81 4.72 10.64
C2D HEM H . 13.24 3.75 9.66
C3D HEM H . 12.19 3.03 9.27
C4D HEM H . 11.04 3.50 10.03
CMD HEM H . 14.69 3.59 9.11
CAD HEM H . 12.21 1.91 8.19
CBD HEM H . 11.87 0.56 8.78
CGD HEM H . 12.19 -0.48 7.74
O1D HEM H . 12.70 -0.10 6.64
O2D HEM H . 11.94 -1.68 8.02
NA HEM H . 8.66 4.66 11.45
NB HEM H . 9.21 6.58 13.43
NC HEM H . 12.01 6.57 12.84
ND HEM H . 11.46 4.54 10.88
FE HEM H . 10.33 5.84 11.92
N1 H4B I . 3.85 -1.28 6.27
C2 H4B I . 4.34 -1.06 7.53
N2 H4B I . 4.24 0.17 8.07
N3 H4B I . 4.95 -2.04 8.23
C4 H4B I . 5.07 -3.28 7.70
O4 H4B I . 5.62 -4.19 8.34
C4A H4B I . 4.59 -3.54 6.42
C8A H4B I . 3.97 -2.51 5.72
N5 H4B I . 4.72 -4.77 5.86
N8 H4B I . 3.49 -2.73 4.47
C6 H4B I . 4.70 -4.82 4.40
C7 H4B I . 3.47 -4.07 3.88
C9 H4B I . 4.73 -6.24 3.80
O9 H4B I . 3.80 -7.11 4.48
C10 H4B I . 4.40 -6.17 2.30
C11 H4B I . 4.14 -7.54 1.66
O10 H4B I . 5.48 -5.52 1.60
C13 88H J . 8.75 -4.40 10.46
C12 88H J . 8.88 -3.33 11.33
C11 88H J . 10.12 -2.77 11.58
C10 88H J . 9.61 2.18 14.11
C14 88H J . 9.87 -4.92 9.82
C02 88H J . 8.46 3.62 15.59
C03 88H J . 9.58 4.45 15.64
C04 88H J . 10.71 4.15 14.89
C05 88H J . 10.72 3.00 14.12
C06 88H J . 11.85 2.68 13.37
C07 88H J . 11.86 1.53 12.59
C08 88H J . 10.74 0.71 12.57
C09 88H J . 9.62 1.03 13.33
C15 88H J . 11.12 -4.36 10.09
C16 88H J . 11.25 -3.28 10.96
C22 88H J . 12.16 -7.67 8.99
C23 88H J . 11.12 -8.59 9.13
C24 88H J . 10.49 -9.09 8.01
C25 88H J . 10.91 -8.66 6.76
C26 88H J . 11.94 -7.75 6.66
C32 88H J . 10.28 -1.60 12.52
C33 88H J . 12.35 -4.88 9.42
C35 88H J . 12.81 -7.16 10.27
N01 88H J . 8.51 2.50 14.84
N02 88H J . 7.36 3.90 16.34
N21 88H J . 12.55 -7.28 7.75
N34 88H J . 13.21 -5.73 10.26
O31 88H J . 10.73 -0.43 11.84
C ACT K . 5.06 12.01 15.05
O ACT K . 4.38 11.96 14.00
OXT ACT K . 4.57 12.35 16.14
CH3 ACT K . 6.42 11.35 15.05
#